data_2Q31
#
_entry.id   2Q31
#
_cell.length_a   108.253
_cell.length_b   71.984
_cell.length_c   54.703
_cell.angle_alpha   90.000
_cell.angle_beta   104.680
_cell.angle_gamma   90.000
#
_symmetry.space_group_name_H-M   'P 1 21 1'
#
loop_
_entity.id
_entity.type
_entity.pdbx_description
1 polymer 'Actin, alpha skeletal muscle'
2 non-polymer 'CALCIUM ION'
3 non-polymer "ADENOSINE-5'-TRIPHOSPHATE"
4 non-polymer 'LATRUNCULIN A'
5 water water
#
_entity_poly.entity_id   1
_entity_poly.type   'polypeptide(L)'
_entity_poly.pdbx_seq_one_letter_code
;DEDETTALVCDNGSGLVKAGFAGDDAPRAVFPSIVGRPRHQGVMVGMGQKDSYVGDEAQSKRGILTLKYPIEHGIITNWD
DMEKIWHHTFYNELRVAPEEHPTLLTEAPLNPKANREKMTQIMFETFNVPAMYVAIQAVLSLYASGRTTGIVLDSGDGVT
HNVPIYEGYALPHAIMRLDLAGRDLTDYLMKILTERGYSFVTTAEREIVRDIKEKLCYVALDFENEMATAASSSSLEKSY
ELPDGQVITIGNERFRCPETLFQPSFIGMESAGIHETTYNSIMKCDIDIRKDLYANNVMSGGTTMYPGIADRMQKEITAL
APSTMKIKIIAPPERKYSVWIGGSILASLSTFQQMWITKQEYDEAGPSIVHRKCF
;
_entity_poly.pdbx_strand_id   A,B
#
loop_
_chem_comp.id
_chem_comp.type
_chem_comp.name
_chem_comp.formula
ATP non-polymer ADENOSINE-5'-TRIPHOSPHATE 'C10 H16 N5 O13 P3'
CA non-polymer 'CALCIUM ION' 'Ca 2'
LAR non-polymer 'LATRUNCULIN A' 'C22 H31 N O5 S'
#
# COMPACT_ATOMS: atom_id res chain seq x y z
N THR A 5 20.41 -19.50 -3.15
CA THR A 5 19.92 -20.84 -3.57
C THR A 5 18.81 -21.34 -2.62
N THR A 6 18.95 -21.03 -1.33
CA THR A 6 17.93 -21.41 -0.34
C THR A 6 16.72 -20.50 -0.47
N ALA A 7 15.53 -21.09 -0.35
CA ALA A 7 14.30 -20.31 -0.40
C ALA A 7 13.95 -19.78 0.97
N LEU A 8 13.19 -18.69 1.01
CA LEU A 8 12.71 -18.10 2.26
C LEU A 8 11.21 -18.37 2.41
N VAL A 9 10.69 -18.03 3.59
CA VAL A 9 9.25 -18.11 3.87
C VAL A 9 8.92 -17.00 4.86
N CYS A 10 8.15 -16.01 4.41
CA CYS A 10 7.78 -14.86 5.25
C CYS A 10 6.26 -14.79 5.49
N ASP A 11 5.83 -15.24 6.67
CA ASP A 11 4.42 -15.14 7.04
C ASP A 11 4.18 -13.80 7.74
N ASN A 12 3.52 -12.90 7.02
CA ASN A 12 3.14 -11.58 7.54
C ASN A 12 1.74 -11.60 8.13
N GLY A 13 1.65 -11.36 9.44
CA GLY A 13 0.37 -11.37 10.14
C GLY A 13 0.03 -9.99 10.66
N SER A 14 -1.22 -9.84 11.12
CA SER A 14 -1.69 -8.59 11.69
C SER A 14 -0.95 -8.27 12.99
N GLY A 15 -0.66 -9.32 13.77
CA GLY A 15 0.03 -9.17 15.04
C GLY A 15 1.52 -9.47 14.97
N LEU A 16 1.86 -10.67 14.50
CA LEU A 16 3.25 -11.11 14.42
C LEU A 16 3.68 -11.40 13.00
N VAL A 17 4.99 -11.40 12.79
CA VAL A 17 5.60 -11.80 11.53
C VAL A 17 6.45 -13.03 11.83
N LYS A 18 6.10 -14.16 11.23
CA LYS A 18 6.83 -15.41 11.42
C LYS A 18 7.69 -15.68 10.18
N ALA A 19 9.00 -15.43 10.28
CA ALA A 19 9.92 -15.59 9.15
C ALA A 19 10.97 -16.68 9.38
N GLY A 20 11.40 -17.32 8.30
CA GLY A 20 12.40 -18.38 8.36
C GLY A 20 12.76 -18.88 6.98
N PHE A 21 13.55 -19.96 6.92
CA PHE A 21 13.96 -20.56 5.65
C PHE A 21 13.09 -21.77 5.32
N ALA A 22 12.91 -22.02 4.03
CA ALA A 22 12.16 -23.20 3.58
C ALA A 22 12.98 -24.44 3.87
N GLY A 23 12.32 -25.49 4.36
CA GLY A 23 12.99 -26.73 4.73
C GLY A 23 13.21 -26.86 6.22
N ASP A 24 13.25 -25.73 6.93
CA ASP A 24 13.39 -25.72 8.38
C ASP A 24 12.14 -26.28 9.04
N ASP A 25 12.29 -26.73 10.28
CA ASP A 25 11.19 -27.27 11.06
C ASP A 25 10.33 -26.15 11.65
N ALA A 26 10.96 -25.01 11.89
CA ALA A 26 10.29 -23.86 12.48
C ALA A 26 10.94 -22.55 12.00
N PRO A 27 10.21 -21.43 12.14
CA PRO A 27 10.78 -20.16 11.74
C PRO A 27 11.85 -19.71 12.73
N ARG A 28 12.91 -19.07 12.23
CA ARG A 28 14.00 -18.62 13.08
C ARG A 28 13.71 -17.24 13.70
N ALA A 29 12.90 -16.43 13.01
CA ALA A 29 12.53 -15.09 13.46
C ALA A 29 11.02 -14.98 13.68
N VAL A 30 10.63 -14.47 14.84
CA VAL A 30 9.23 -14.20 15.14
C VAL A 30 9.18 -12.89 15.90
N PHE A 31 8.62 -11.86 15.26
CA PHE A 31 8.65 -10.51 15.78
C PHE A 31 7.37 -9.73 15.48
N PRO A 32 7.10 -8.66 16.24
CA PRO A 32 5.88 -7.90 16.05
C PRO A 32 5.78 -7.19 14.71
N SER A 33 4.56 -7.04 14.19
CA SER A 33 4.31 -6.30 12.95
C SER A 33 4.02 -4.85 13.31
N ILE A 34 5.01 -4.16 13.87
CA ILE A 34 4.84 -2.78 14.34
C ILE A 34 5.87 -1.81 13.78
N VAL A 35 5.49 -0.53 13.79
CA VAL A 35 6.38 0.58 13.39
C VAL A 35 6.11 1.77 14.34
N GLY A 36 7.06 2.05 15.23
CA GLY A 36 6.91 3.13 16.20
C GLY A 36 7.11 4.51 15.62
N ARG A 37 6.26 5.47 16.00
CA ARG A 37 6.33 6.85 15.49
C ARG A 37 5.74 7.92 16.42
N PRO A 38 6.52 8.38 17.42
CA PRO A 38 6.04 9.47 18.28
C PRO A 38 6.14 10.83 17.58
N THR A 66 1.98 5.84 19.67
CA THR A 66 3.20 5.96 18.88
C THR A 66 3.37 4.81 17.88
N LEU A 67 3.07 3.59 18.31
CA LEU A 67 3.21 2.39 17.46
C LEU A 67 2.12 2.28 16.39
N LYS A 68 2.41 1.52 15.34
CA LYS A 68 1.50 1.32 14.22
C LYS A 68 1.56 -0.09 13.63
N TYR A 69 0.39 -0.73 13.54
CA TYR A 69 0.24 -2.04 12.92
C TYR A 69 -0.12 -1.85 11.45
N PRO A 70 0.86 -2.04 10.54
CA PRO A 70 0.55 -1.84 9.12
C PRO A 70 -0.46 -2.85 8.55
N ILE A 71 -0.57 -4.02 9.16
CA ILE A 71 -1.56 -5.01 8.74
C ILE A 71 -2.75 -5.02 9.68
N GLU A 72 -3.91 -4.66 9.14
CA GLU A 72 -5.14 -4.65 9.91
C GLU A 72 -6.07 -5.72 9.35
N HIS A 73 -6.62 -6.52 10.25
CA HIS A 73 -7.50 -7.63 9.89
C HIS A 73 -6.90 -8.52 8.78
N GLY A 74 -5.58 -8.73 8.83
CA GLY A 74 -4.86 -9.57 7.87
C GLY A 74 -4.58 -8.95 6.51
N ILE A 75 -4.87 -7.65 6.38
CA ILE A 75 -4.71 -6.91 5.12
C ILE A 75 -3.74 -5.74 5.31
N ILE A 76 -2.84 -5.55 4.33
CA ILE A 76 -1.82 -4.50 4.36
C ILE A 76 -2.44 -3.14 4.07
N THR A 77 -2.42 -2.25 5.07
CA THR A 77 -3.01 -0.90 4.94
C THR A 77 -1.98 0.19 4.63
N ASN A 78 -0.77 0.06 5.17
CA ASN A 78 0.34 1.00 4.90
C ASN A 78 1.51 0.28 4.22
N TRP A 79 1.88 0.75 3.05
CA TRP A 79 2.92 0.10 2.25
C TRP A 79 4.33 0.54 2.58
N ASP A 80 4.53 1.83 2.85
CA ASP A 80 5.83 2.35 3.23
C ASP A 80 6.29 1.71 4.53
N ASP A 81 5.36 1.51 5.47
CA ASP A 81 5.65 0.82 6.73
C ASP A 81 5.97 -0.64 6.46
N MET A 82 5.12 -1.28 5.65
CA MET A 82 5.28 -2.70 5.32
C MET A 82 6.67 -2.99 4.73
N GLU A 83 7.20 -2.04 3.96
CA GLU A 83 8.56 -2.17 3.43
C GLU A 83 9.56 -2.16 4.58
N LYS A 84 9.34 -1.29 5.57
CA LYS A 84 10.23 -1.19 6.74
C LYS A 84 10.26 -2.53 7.49
N ILE A 85 9.14 -3.24 7.48
CA ILE A 85 9.04 -4.55 8.11
C ILE A 85 9.83 -5.58 7.30
N TRP A 86 9.59 -5.64 5.98
CA TRP A 86 10.33 -6.56 5.13
C TRP A 86 11.82 -6.27 5.13
N HIS A 87 12.18 -4.99 5.18
CA HIS A 87 13.59 -4.59 5.25
C HIS A 87 14.22 -5.12 6.52
N HIS A 88 13.50 -5.00 7.63
CA HIS A 88 13.96 -5.50 8.93
C HIS A 88 14.09 -7.02 8.90
N THR A 89 13.10 -7.67 8.29
CA THR A 89 13.09 -9.11 8.13
C THR A 89 14.36 -9.63 7.47
N PHE A 90 14.67 -9.13 6.28
CA PHE A 90 15.82 -9.59 5.52
C PHE A 90 17.16 -9.27 6.18
N TYR A 91 17.33 -8.02 6.57
CA TYR A 91 18.63 -7.52 7.04
C TYR A 91 18.87 -7.60 8.55
N ASN A 92 17.86 -7.31 9.35
CA ASN A 92 18.01 -7.34 10.81
C ASN A 92 17.73 -8.71 11.41
N GLU A 93 16.64 -9.35 10.98
CA GLU A 93 16.24 -10.63 11.52
C GLU A 93 16.96 -11.80 10.84
N LEU A 94 16.65 -12.03 9.56
CA LEU A 94 17.25 -13.17 8.83
C LEU A 94 18.70 -12.95 8.41
N ARG A 95 19.13 -11.70 8.31
CA ARG A 95 20.51 -11.36 7.92
C ARG A 95 20.91 -12.01 6.58
N VAL A 96 20.10 -11.74 5.55
CA VAL A 96 20.32 -12.30 4.23
C VAL A 96 20.10 -11.24 3.15
N ALA A 97 20.69 -11.47 1.98
CA ALA A 97 20.47 -10.63 0.82
C ALA A 97 19.17 -11.10 0.17
N PRO A 98 18.19 -10.20 -0.01
CA PRO A 98 16.93 -10.61 -0.63
C PRO A 98 17.05 -11.02 -2.10
N GLU A 99 18.05 -10.49 -2.81
CA GLU A 99 18.27 -10.84 -4.21
C GLU A 99 18.93 -12.22 -4.40
N GLU A 100 19.46 -12.78 -3.31
CA GLU A 100 20.12 -14.10 -3.34
C GLU A 100 19.18 -15.26 -2.96
N HIS A 101 17.91 -14.98 -2.67
CA HIS A 101 16.95 -16.01 -2.25
C HIS A 101 15.53 -15.79 -2.79
N PRO A 102 14.88 -16.85 -3.30
CA PRO A 102 13.46 -16.72 -3.66
C PRO A 102 12.61 -16.65 -2.39
N THR A 103 11.74 -15.65 -2.31
CA THR A 103 10.95 -15.42 -1.10
C THR A 103 9.50 -15.85 -1.27
N LEU A 104 8.96 -16.53 -0.26
CA LEU A 104 7.55 -16.94 -0.25
C LEU A 104 6.76 -16.11 0.73
N LEU A 105 5.91 -15.23 0.19
CA LEU A 105 5.05 -14.36 1.00
C LEU A 105 3.66 -14.97 1.20
N THR A 106 3.00 -14.60 2.29
CA THR A 106 1.64 -15.08 2.61
C THR A 106 0.61 -13.97 2.50
N GLU A 107 -0.66 -14.35 2.35
CA GLU A 107 -1.75 -13.37 2.26
C GLU A 107 -3.05 -13.90 2.87
N ALA A 108 -3.84 -13.00 3.46
CA ALA A 108 -5.12 -13.38 4.01
C ALA A 108 -6.02 -13.83 2.85
N PRO A 109 -6.97 -14.75 3.12
CA PRO A 109 -7.90 -15.14 2.05
C PRO A 109 -8.74 -13.96 1.55
N LEU A 110 -9.20 -14.06 0.30
CA LEU A 110 -9.97 -13.00 -0.34
C LEU A 110 -9.24 -11.65 -0.31
N ASN A 111 -7.91 -11.71 -0.39
CA ASN A 111 -7.08 -10.52 -0.43
C ASN A 111 -7.25 -9.85 -1.81
N PRO A 112 -7.49 -8.54 -1.84
CA PRO A 112 -7.69 -7.86 -3.13
C PRO A 112 -6.54 -8.10 -4.12
N LYS A 113 -6.85 -8.10 -5.41
CA LYS A 113 -5.85 -8.35 -6.43
C LYS A 113 -4.84 -7.20 -6.52
N ALA A 114 -5.34 -5.97 -6.37
CA ALA A 114 -4.47 -4.78 -6.35
C ALA A 114 -3.52 -4.81 -5.15
N ASN A 115 -3.93 -5.51 -4.09
CA ASN A 115 -3.12 -5.68 -2.88
C ASN A 115 -1.95 -6.62 -3.17
N ARG A 116 -2.24 -7.73 -3.85
CA ARG A 116 -1.25 -8.75 -4.20
C ARG A 116 -0.25 -8.29 -5.27
N GLU A 117 -0.77 -7.61 -6.31
CA GLU A 117 0.08 -7.06 -7.38
C GLU A 117 1.05 -6.00 -6.85
N LYS A 118 0.64 -5.31 -5.77
CA LYS A 118 1.48 -4.30 -5.11
C LYS A 118 2.59 -4.97 -4.30
N MET A 119 2.30 -6.11 -3.69
CA MET A 119 3.33 -6.89 -2.99
C MET A 119 4.41 -7.34 -3.98
N THR A 120 3.98 -8.02 -5.04
CA THR A 120 4.89 -8.54 -6.05
C THR A 120 5.83 -7.46 -6.57
N GLN A 121 5.27 -6.32 -6.95
CA GLN A 121 6.06 -5.18 -7.43
C GLN A 121 7.16 -4.82 -6.44
N ILE A 122 6.79 -4.67 -5.17
CA ILE A 122 7.75 -4.30 -4.13
C ILE A 122 8.88 -5.31 -3.96
N MET A 123 8.57 -6.59 -4.12
CA MET A 123 9.58 -7.65 -3.98
C MET A 123 10.57 -7.68 -5.16
N PHE A 124 10.05 -7.56 -6.38
CA PHE A 124 10.91 -7.59 -7.56
C PHE A 124 11.68 -6.29 -7.79
N GLU A 125 11.10 -5.16 -7.38
CA GLU A 125 11.70 -3.86 -7.66
C GLU A 125 12.46 -3.24 -6.49
N THR A 126 11.86 -3.27 -5.30
CA THR A 126 12.49 -2.66 -4.12
C THR A 126 13.50 -3.60 -3.45
N PHE A 127 13.17 -4.89 -3.38
CA PHE A 127 14.03 -5.90 -2.75
C PHE A 127 14.74 -6.83 -3.76
N ASN A 128 14.63 -6.52 -5.04
CA ASN A 128 15.35 -7.25 -6.11
C ASN A 128 15.30 -8.78 -6.07
N VAL A 129 14.20 -9.36 -5.57
CA VAL A 129 14.11 -10.82 -5.44
C VAL A 129 14.26 -11.54 -6.79
N PRO A 130 14.93 -12.71 -6.78
CA PRO A 130 15.13 -13.49 -8.02
C PRO A 130 13.84 -14.19 -8.46
N ALA A 131 12.99 -14.49 -7.47
CA ALA A 131 11.67 -15.06 -7.70
C ALA A 131 10.86 -14.87 -6.44
N MET A 132 9.56 -15.11 -6.53
CA MET A 132 8.66 -15.09 -5.36
C MET A 132 7.26 -15.63 -5.69
N TYR A 133 6.44 -15.80 -4.66
CA TYR A 133 5.09 -16.33 -4.79
C TYR A 133 4.23 -15.93 -3.58
N VAL A 134 2.95 -15.67 -3.82
CA VAL A 134 2.01 -15.26 -2.76
C VAL A 134 0.94 -16.33 -2.54
N ALA A 135 1.01 -17.01 -1.39
CA ALA A 135 0.11 -18.12 -1.06
C ALA A 135 -0.93 -17.75 0.02
N ILE A 136 -2.09 -18.43 -0.03
CA ILE A 136 -3.17 -18.16 0.93
C ILE A 136 -2.90 -18.83 2.28
N GLN A 137 -2.72 -18.00 3.31
CA GLN A 137 -2.37 -18.44 4.66
C GLN A 137 -3.07 -19.71 5.12
N ALA A 138 -4.40 -19.68 5.11
CA ALA A 138 -5.22 -20.82 5.55
C ALA A 138 -4.88 -22.09 4.77
N VAL A 139 -4.69 -21.96 3.45
CA VAL A 139 -4.37 -23.11 2.59
C VAL A 139 -3.08 -23.78 3.04
N LEU A 140 -2.09 -22.98 3.43
CA LEU A 140 -0.82 -23.50 3.93
C LEU A 140 -1.01 -24.32 5.20
N SER A 141 -1.85 -23.81 6.10
CA SER A 141 -2.15 -24.51 7.36
C SER A 141 -2.73 -25.90 7.12
N LEU A 142 -3.52 -26.05 6.07
CA LEU A 142 -4.10 -27.33 5.69
C LEU A 142 -2.97 -28.28 5.29
N TYR A 143 -2.08 -27.81 4.41
CA TYR A 143 -0.93 -28.61 3.96
C TYR A 143 -0.06 -29.00 5.15
N ALA A 144 0.10 -28.08 6.10
CA ALA A 144 0.87 -28.33 7.32
C ALA A 144 0.33 -29.54 8.07
N SER A 145 -1.01 -29.66 8.10
CA SER A 145 -1.67 -30.80 8.72
C SER A 145 -1.49 -32.11 7.93
N GLY A 146 -1.22 -31.98 6.63
CA GLY A 146 -1.07 -33.12 5.73
C GLY A 146 -2.33 -33.38 4.93
N ARG A 147 -3.01 -32.31 4.52
CA ARG A 147 -4.29 -32.40 3.85
C ARG A 147 -4.39 -31.45 2.66
N THR A 148 -5.03 -31.92 1.59
CA THR A 148 -5.30 -31.12 0.40
C THR A 148 -6.73 -30.59 0.43
N THR A 149 -7.65 -31.37 1.00
CA THR A 149 -9.05 -31.02 1.10
C THR A 149 -9.46 -30.89 2.56
N GLY A 150 -10.17 -29.81 2.90
CA GLY A 150 -10.65 -29.57 4.26
C GLY A 150 -11.04 -28.12 4.58
N ILE A 151 -11.90 -27.95 5.58
CA ILE A 151 -12.32 -26.62 6.03
C ILE A 151 -11.49 -26.14 7.21
N VAL A 152 -10.69 -25.10 6.96
CA VAL A 152 -9.79 -24.55 7.95
C VAL A 152 -10.48 -23.46 8.76
N LEU A 153 -10.06 -23.35 10.02
CA LEU A 153 -10.43 -22.26 10.88
C LEU A 153 -9.13 -21.61 11.30
N ASP A 154 -8.88 -20.40 10.83
CA ASP A 154 -7.64 -19.69 11.16
C ASP A 154 -7.99 -18.41 11.91
N SER A 155 -7.77 -18.42 13.21
CA SER A 155 -8.01 -17.24 14.03
C SER A 155 -6.67 -16.69 14.49
N GLY A 156 -6.33 -15.49 14.01
CA GLY A 156 -5.06 -14.88 14.37
C GLY A 156 -5.20 -13.87 15.50
N ASP A 157 -4.51 -12.74 15.37
CA ASP A 157 -4.57 -11.66 16.33
C ASP A 157 -5.49 -10.54 15.80
N GLY A 158 -5.63 -10.47 14.48
CA GLY A 158 -6.42 -9.42 13.84
C GLY A 158 -7.68 -9.87 13.11
N VAL A 159 -7.71 -11.11 12.61
CA VAL A 159 -8.88 -11.60 11.88
C VAL A 159 -9.03 -13.11 11.95
N THR A 160 -10.27 -13.56 11.81
CA THR A 160 -10.67 -14.96 11.86
C THR A 160 -11.36 -15.35 10.55
N HIS A 161 -11.01 -16.52 10.03
CA HIS A 161 -11.49 -16.97 8.72
C HIS A 161 -11.90 -18.43 8.70
N ASN A 162 -12.99 -18.70 8.00
CA ASN A 162 -13.39 -20.06 7.69
C ASN A 162 -13.15 -20.26 6.21
N VAL A 163 -12.18 -21.12 5.90
CA VAL A 163 -11.75 -21.35 4.53
C VAL A 163 -11.92 -22.80 4.14
N PRO A 164 -12.96 -23.11 3.36
CA PRO A 164 -13.15 -24.47 2.83
C PRO A 164 -12.28 -24.70 1.60
N ILE A 165 -11.54 -25.80 1.62
CA ILE A 165 -10.58 -26.10 0.55
C ILE A 165 -10.84 -27.49 -0.03
N TYR A 166 -10.83 -27.60 -1.36
CA TYR A 166 -11.01 -28.87 -2.05
C TYR A 166 -9.86 -29.12 -3.02
N GLU A 167 -9.21 -30.28 -2.89
CA GLU A 167 -8.05 -30.64 -3.71
C GLU A 167 -7.03 -29.50 -3.79
N GLY A 168 -6.78 -28.83 -2.65
CA GLY A 168 -5.80 -27.75 -2.59
C GLY A 168 -6.32 -26.36 -2.95
N TYR A 169 -7.46 -26.29 -3.63
CA TYR A 169 -8.05 -25.01 -4.03
C TYR A 169 -9.09 -24.54 -3.02
N ALA A 170 -8.84 -23.39 -2.40
CA ALA A 170 -9.76 -22.80 -1.42
C ALA A 170 -10.97 -22.20 -2.12
N LEU A 171 -12.16 -22.71 -1.81
CA LEU A 171 -13.40 -22.26 -2.44
C LEU A 171 -13.75 -20.84 -1.99
N PRO A 172 -13.64 -19.84 -2.90
CA PRO A 172 -13.78 -18.43 -2.50
C PRO A 172 -15.17 -17.98 -2.07
N HIS A 173 -16.20 -18.45 -2.77
CA HIS A 173 -17.58 -18.06 -2.45
C HIS A 173 -18.03 -18.59 -1.09
N ALA A 174 -17.34 -19.61 -0.57
CA ALA A 174 -17.67 -20.25 0.70
C ALA A 174 -16.88 -19.69 1.88
N ILE A 175 -15.81 -18.93 1.62
CA ILE A 175 -14.98 -18.36 2.69
C ILE A 175 -15.72 -17.37 3.57
N MET A 176 -15.58 -17.51 4.89
CA MET A 176 -16.19 -16.58 5.85
C MET A 176 -15.10 -15.78 6.53
N ARG A 177 -15.38 -14.51 6.77
CA ARG A 177 -14.46 -13.63 7.46
C ARG A 177 -15.10 -13.18 8.77
N LEU A 178 -14.27 -12.84 9.75
CA LEU A 178 -14.76 -12.32 11.02
C LEU A 178 -13.69 -11.45 11.64
N ASP A 179 -14.03 -10.17 11.85
CA ASP A 179 -13.09 -9.19 12.39
C ASP A 179 -13.00 -9.32 13.91
N LEU A 180 -12.70 -10.52 14.40
CA LEU A 180 -12.62 -10.80 15.83
C LEU A 180 -11.53 -11.84 16.08
N ALA A 181 -10.48 -11.42 16.79
CA ALA A 181 -9.34 -12.29 17.07
C ALA A 181 -8.69 -11.92 18.40
N GLY A 182 -7.52 -12.49 18.66
CA GLY A 182 -6.80 -12.29 19.93
C GLY A 182 -6.73 -10.88 20.49
N ARG A 183 -6.51 -9.88 19.64
CA ARG A 183 -6.42 -8.49 20.10
C ARG A 183 -7.77 -8.02 20.64
N ASP A 184 -8.83 -8.26 19.88
CA ASP A 184 -10.18 -7.96 20.35
C ASP A 184 -10.42 -8.69 21.66
N LEU A 185 -10.00 -9.96 21.72
CA LEU A 185 -10.17 -10.80 22.91
C LEU A 185 -9.36 -10.27 24.09
N THR A 186 -8.12 -9.84 23.84
CA THR A 186 -7.28 -9.23 24.88
C THR A 186 -7.93 -7.97 25.46
N ASP A 187 -8.50 -7.14 24.58
CA ASP A 187 -9.19 -5.92 24.97
C ASP A 187 -10.41 -6.22 25.84
N TYR A 188 -11.19 -7.23 25.43
CA TYR A 188 -12.39 -7.63 26.17
C TYR A 188 -12.03 -8.09 27.58
N LEU A 189 -10.95 -8.87 27.69
CA LEU A 189 -10.50 -9.37 28.99
C LEU A 189 -10.14 -8.20 29.91
N MET A 190 -9.42 -7.22 29.37
CA MET A 190 -9.08 -6.02 30.13
C MET A 190 -10.36 -5.42 30.73
N LYS A 191 -11.38 -5.28 29.89
CA LYS A 191 -12.66 -4.72 30.29
C LYS A 191 -13.31 -5.52 31.43
N ILE A 192 -13.39 -6.84 31.26
CA ILE A 192 -14.05 -7.70 32.27
C ILE A 192 -13.19 -7.92 33.52
N LEU A 193 -11.93 -7.47 33.49
CA LEU A 193 -11.08 -7.47 34.67
C LEU A 193 -11.26 -6.15 35.44
N THR A 194 -11.76 -5.12 34.75
CA THR A 194 -11.98 -3.80 35.35
C THR A 194 -13.15 -3.82 36.33
N GLU A 195 -14.13 -4.68 36.07
CA GLU A 195 -15.27 -4.85 36.97
C GLU A 195 -14.86 -5.57 38.26
N ARG A 196 -13.78 -6.35 38.20
CA ARG A 196 -13.24 -7.03 39.39
C ARG A 196 -12.40 -6.07 40.25
N GLY A 197 -12.15 -4.85 39.76
CA GLY A 197 -11.43 -3.83 40.51
C GLY A 197 -10.02 -3.51 40.00
N TYR A 198 -9.57 -4.25 38.98
CA TYR A 198 -8.23 -4.03 38.41
C TYR A 198 -8.22 -2.84 37.45
N SER A 199 -7.04 -2.32 37.16
CA SER A 199 -6.89 -1.15 36.29
C SER A 199 -5.90 -1.35 35.14
N PHE A 200 -6.30 -2.14 34.15
CA PHE A 200 -5.52 -2.39 32.93
C PHE A 200 -6.04 -1.50 31.81
N VAL A 201 -5.35 -0.38 31.57
CA VAL A 201 -5.78 0.61 30.59
C VAL A 201 -4.69 0.92 29.53
N THR A 202 -3.46 1.17 30.00
CA THR A 202 -2.36 1.50 29.08
C THR A 202 -1.96 0.31 28.21
N THR A 203 -1.24 0.62 27.14
CA THR A 203 -0.82 -0.37 26.15
C THR A 203 0.26 -1.33 26.67
N ALA A 204 1.12 -0.85 27.55
CA ALA A 204 2.14 -1.70 28.19
C ALA A 204 1.44 -2.75 29.05
N GLU A 205 0.42 -2.31 29.78
CA GLU A 205 -0.40 -3.20 30.60
C GLU A 205 -1.22 -4.17 29.74
N ARG A 206 -1.63 -3.71 28.57
CA ARG A 206 -2.38 -4.56 27.64
C ARG A 206 -1.62 -5.84 27.32
N GLU A 207 -0.29 -5.75 27.21
CA GLU A 207 0.54 -6.92 26.94
C GLU A 207 0.48 -7.90 28.12
N ILE A 208 0.41 -7.36 29.33
CA ILE A 208 0.32 -8.19 30.53
C ILE A 208 -0.99 -8.96 30.51
N VAL A 209 -2.06 -8.29 30.06
CA VAL A 209 -3.38 -8.91 29.94
C VAL A 209 -3.41 -9.92 28.79
N ARG A 210 -2.56 -9.71 27.78
CA ARG A 210 -2.42 -10.69 26.70
C ARG A 210 -1.74 -11.93 27.27
N ASP A 211 -0.67 -11.74 28.03
CA ASP A 211 0.05 -12.86 28.64
C ASP A 211 -0.92 -13.71 29.46
N ILE A 212 -1.73 -13.07 30.30
CA ILE A 212 -2.74 -13.76 31.10
C ILE A 212 -3.64 -14.58 30.17
N LYS A 213 -4.24 -13.89 29.21
CA LYS A 213 -5.12 -14.50 28.21
C LYS A 213 -4.49 -15.77 27.63
N GLU A 214 -3.21 -15.71 27.28
CA GLU A 214 -2.53 -16.85 26.72
C GLU A 214 -2.22 -17.92 27.79
N LYS A 215 -1.90 -17.45 29.00
CA LYS A 215 -1.48 -18.35 30.09
C LYS A 215 -2.62 -19.10 30.78
N LEU A 216 -3.65 -18.38 31.23
CA LEU A 216 -4.68 -18.98 32.09
C LEU A 216 -5.99 -19.37 31.41
N CYS A 217 -6.49 -18.53 30.50
CA CYS A 217 -7.79 -18.75 29.83
C CYS A 217 -8.01 -20.13 29.22
N TYR A 218 -9.28 -20.45 29.02
CA TYR A 218 -9.70 -21.71 28.40
C TYR A 218 -11.14 -21.59 27.86
N VAL A 219 -11.51 -22.51 26.97
CA VAL A 219 -12.86 -22.52 26.41
C VAL A 219 -13.77 -23.50 27.17
N ALA A 220 -14.74 -22.96 27.91
CA ALA A 220 -15.67 -23.77 28.68
C ALA A 220 -16.56 -24.61 27.78
N LEU A 221 -16.65 -25.91 28.06
CA LEU A 221 -17.51 -26.80 27.28
C LEU A 221 -18.96 -26.29 27.31
N ASP A 222 -19.42 -25.87 28.49
CA ASP A 222 -20.73 -25.25 28.67
C ASP A 222 -20.58 -23.96 29.48
N PHE A 223 -21.13 -22.87 28.98
CA PHE A 223 -21.00 -21.56 29.62
C PHE A 223 -21.76 -21.45 30.94
N GLU A 224 -23.06 -21.74 30.93
CA GLU A 224 -23.88 -21.68 32.15
C GLU A 224 -23.26 -22.49 33.28
N ASN A 225 -23.08 -23.79 33.04
CA ASN A 225 -22.51 -24.69 34.04
C ASN A 225 -21.25 -24.10 34.65
N GLU A 226 -20.37 -23.59 33.79
CA GLU A 226 -19.10 -23.02 34.24
C GLU A 226 -19.33 -21.78 35.11
N MET A 227 -20.15 -20.85 34.63
CA MET A 227 -20.46 -19.63 35.39
C MET A 227 -21.04 -19.99 36.77
N ALA A 228 -21.86 -21.04 36.80
CA ALA A 228 -22.47 -21.52 38.05
C ALA A 228 -21.43 -22.09 39.01
N THR A 229 -20.39 -22.72 38.46
CA THR A 229 -19.29 -23.24 39.26
C THR A 229 -18.50 -22.06 39.85
N ALA A 230 -18.37 -21.00 39.05
CA ALA A 230 -17.67 -19.78 39.47
C ALA A 230 -18.43 -19.01 40.53
N ALA A 231 -19.76 -19.00 40.43
CA ALA A 231 -20.60 -18.28 41.40
C ALA A 231 -20.65 -19.00 42.74
N SER A 232 -20.62 -20.33 42.71
CA SER A 232 -20.74 -21.15 43.93
C SER A 232 -19.42 -21.47 44.61
N SER A 233 -18.39 -21.78 43.82
CA SER A 233 -17.08 -22.15 44.36
C SER A 233 -15.96 -21.23 43.87
N SER A 234 -14.76 -21.46 44.40
CA SER A 234 -13.56 -20.74 43.98
C SER A 234 -12.53 -21.73 43.39
N SER A 235 -13.04 -22.83 42.81
CA SER A 235 -12.19 -23.86 42.24
C SER A 235 -11.59 -23.45 40.90
N LEU A 236 -12.34 -22.64 40.13
CA LEU A 236 -11.85 -22.16 38.83
C LEU A 236 -10.94 -20.93 38.93
N GLU A 237 -10.62 -20.49 40.15
CA GLU A 237 -9.76 -19.33 40.30
C GLU A 237 -8.29 -19.70 40.13
N LYS A 238 -7.53 -18.75 39.58
CA LYS A 238 -6.11 -18.93 39.33
C LYS A 238 -5.33 -17.66 39.64
N SER A 239 -4.19 -17.83 40.32
CA SER A 239 -3.31 -16.72 40.67
C SER A 239 -2.37 -16.42 39.51
N TYR A 240 -1.98 -15.14 39.38
CA TYR A 240 -1.06 -14.69 38.33
C TYR A 240 -0.08 -13.67 38.91
N GLU A 241 1.22 -13.93 38.79
CA GLU A 241 2.23 -13.00 39.28
C GLU A 241 2.46 -11.89 38.26
N LEU A 242 2.18 -10.66 38.67
CA LEU A 242 2.43 -9.49 37.82
C LEU A 242 3.92 -9.18 37.77
N PRO A 243 4.37 -8.48 36.71
CA PRO A 243 5.77 -8.09 36.55
C PRO A 243 6.42 -7.52 37.82
N ASP A 244 5.66 -6.72 38.57
CA ASP A 244 6.17 -6.09 39.79
C ASP A 244 6.08 -6.98 41.06
N GLY A 245 5.88 -8.28 40.87
CA GLY A 245 5.88 -9.24 41.99
C GLY A 245 4.53 -9.55 42.59
N GLN A 246 3.67 -8.54 42.71
CA GLN A 246 2.33 -8.73 43.30
C GLN A 246 1.51 -9.79 42.56
N VAL A 247 0.68 -10.50 43.31
CA VAL A 247 -0.16 -11.57 42.79
C VAL A 247 -1.61 -11.09 42.66
N ILE A 248 -2.31 -11.59 41.65
CA ILE A 248 -3.74 -11.29 41.45
C ILE A 248 -4.50 -12.57 41.08
N THR A 249 -5.82 -12.55 41.27
CA THR A 249 -6.67 -13.72 41.03
C THR A 249 -7.73 -13.46 39.96
N ILE A 250 -8.00 -14.46 39.12
CA ILE A 250 -9.05 -14.37 38.10
C ILE A 250 -9.90 -15.66 38.09
N GLY A 251 -11.22 -15.50 38.00
CA GLY A 251 -12.15 -16.63 38.05
C GLY A 251 -12.80 -16.97 36.73
N ASN A 252 -14.01 -16.45 36.52
CA ASN A 252 -14.77 -16.72 35.31
C ASN A 252 -14.22 -16.03 34.06
N GLU A 253 -13.40 -15.00 34.23
CA GLU A 253 -12.81 -14.29 33.08
C GLU A 253 -12.02 -15.26 32.21
N ARG A 254 -11.47 -16.29 32.83
CA ARG A 254 -10.72 -17.33 32.15
C ARG A 254 -11.46 -17.85 30.92
N PHE A 255 -12.76 -18.11 31.08
CA PHE A 255 -13.56 -18.70 29.99
C PHE A 255 -14.57 -17.75 29.33
N ARG A 256 -14.88 -16.63 29.98
CA ARG A 256 -15.82 -15.65 29.43
C ARG A 256 -15.17 -14.91 28.27
N CYS A 257 -13.87 -14.66 28.40
CA CYS A 257 -13.09 -13.98 27.38
C CYS A 257 -13.06 -14.74 26.03
N PRO A 258 -12.51 -15.97 26.01
CA PRO A 258 -12.60 -16.79 24.80
C PRO A 258 -14.02 -17.16 24.33
N GLU A 259 -15.01 -17.01 25.20
CA GLU A 259 -16.41 -17.28 24.86
C GLU A 259 -16.90 -16.34 23.76
N THR A 260 -16.33 -15.13 23.73
CA THR A 260 -16.69 -14.13 22.74
C THR A 260 -16.62 -14.72 21.33
N LEU A 261 -15.74 -15.69 21.13
CA LEU A 261 -15.58 -16.34 19.82
C LEU A 261 -16.87 -17.05 19.39
N PHE A 262 -17.56 -17.66 20.35
CA PHE A 262 -18.80 -18.38 20.08
C PHE A 262 -19.99 -17.44 20.13
N GLN A 263 -19.87 -16.35 20.88
CA GLN A 263 -20.91 -15.33 20.97
C GLN A 263 -20.26 -13.94 20.87
N PRO A 264 -20.06 -13.43 19.63
CA PRO A 264 -19.48 -12.11 19.43
C PRO A 264 -20.34 -10.96 19.95
N SER A 265 -21.63 -11.19 20.18
CA SER A 265 -22.48 -10.13 20.73
C SER A 265 -22.03 -9.67 22.12
N PHE A 266 -21.23 -10.48 22.82
CA PHE A 266 -20.65 -10.08 24.10
C PHE A 266 -19.89 -8.75 24.02
N ILE A 267 -19.34 -8.46 22.84
CA ILE A 267 -18.60 -7.22 22.60
C ILE A 267 -19.29 -6.33 21.54
N GLY A 268 -20.61 -6.45 21.46
CA GLY A 268 -21.41 -5.64 20.54
C GLY A 268 -21.33 -6.02 19.07
N MET A 269 -21.03 -7.28 18.77
CA MET A 269 -20.97 -7.74 17.39
C MET A 269 -22.14 -8.65 17.04
N GLU A 270 -22.99 -8.17 16.13
CA GLU A 270 -24.13 -8.95 15.65
C GLU A 270 -23.75 -10.08 14.68
N SER A 271 -22.45 -10.32 14.52
CA SER A 271 -21.95 -11.42 13.69
C SER A 271 -22.19 -12.77 14.37
N ALA A 272 -22.15 -13.83 13.56
CA ALA A 272 -22.32 -15.21 14.05
C ALA A 272 -21.05 -15.70 14.76
N GLY A 273 -21.19 -16.77 15.54
CA GLY A 273 -20.04 -17.38 16.23
C GLY A 273 -19.16 -18.18 15.28
N ILE A 274 -18.07 -18.74 15.80
CA ILE A 274 -17.14 -19.53 14.96
C ILE A 274 -17.72 -20.90 14.59
N HIS A 275 -18.54 -21.46 15.47
CA HIS A 275 -19.23 -22.72 15.18
C HIS A 275 -20.27 -22.52 14.06
N GLU A 276 -20.90 -21.35 14.04
CA GLU A 276 -21.98 -21.04 13.10
C GLU A 276 -21.41 -20.69 11.75
N THR A 277 -20.42 -19.80 11.73
CA THR A 277 -19.77 -19.41 10.49
C THR A 277 -19.06 -20.60 9.84
N THR A 278 -18.58 -21.55 10.67
CA THR A 278 -18.02 -22.81 10.18
C THR A 278 -19.10 -23.66 9.52
N TYR A 279 -20.29 -23.68 10.13
CA TYR A 279 -21.42 -24.39 9.58
C TYR A 279 -21.84 -23.73 8.27
N ASN A 280 -22.07 -22.42 8.32
CA ASN A 280 -22.45 -21.65 7.12
C ASN A 280 -21.49 -21.93 5.98
N SER A 281 -20.19 -21.83 6.27
CA SER A 281 -19.15 -22.09 5.28
C SER A 281 -19.38 -23.43 4.58
N ILE A 282 -19.61 -24.48 5.37
CA ILE A 282 -19.83 -25.82 4.81
C ILE A 282 -21.09 -25.89 3.94
N MET A 283 -22.15 -25.21 4.36
CA MET A 283 -23.41 -25.22 3.61
C MET A 283 -23.32 -24.41 2.31
N LYS A 284 -22.36 -23.50 2.22
CA LYS A 284 -22.15 -22.71 1.00
C LYS A 284 -21.33 -23.48 -0.05
N CYS A 285 -20.85 -24.67 0.30
CA CYS A 285 -20.11 -25.53 -0.61
C CYS A 285 -21.03 -26.47 -1.40
N ASP A 286 -20.44 -27.30 -2.25
CA ASP A 286 -21.19 -28.34 -2.94
C ASP A 286 -21.50 -29.44 -1.94
N ILE A 287 -22.62 -30.12 -2.14
CA ILE A 287 -23.07 -31.17 -1.23
C ILE A 287 -22.13 -32.37 -1.15
N ASP A 288 -21.41 -32.65 -2.24
CA ASP A 288 -20.50 -33.81 -2.29
C ASP A 288 -19.34 -33.73 -1.30
N ILE A 289 -18.81 -32.53 -1.11
CA ILE A 289 -17.64 -32.32 -0.26
C ILE A 289 -17.92 -32.06 1.23
N ARG A 290 -19.18 -31.76 1.57
CA ARG A 290 -19.54 -31.43 2.95
C ARG A 290 -19.14 -32.53 3.94
N LYS A 291 -19.45 -33.77 3.61
CA LYS A 291 -19.06 -34.92 4.44
C LYS A 291 -17.58 -34.85 4.81
N ASP A 292 -16.76 -34.47 3.84
CA ASP A 292 -15.31 -34.42 3.99
C ASP A 292 -14.85 -33.16 4.72
N LEU A 293 -15.57 -32.05 4.56
CA LEU A 293 -15.27 -30.82 5.27
C LEU A 293 -15.49 -31.04 6.77
N TYR A 294 -16.69 -31.50 7.14
CA TYR A 294 -17.01 -31.85 8.53
C TYR A 294 -15.97 -32.76 9.15
N ALA A 295 -15.55 -33.76 8.38
CA ALA A 295 -14.57 -34.75 8.84
C ALA A 295 -13.15 -34.20 8.91
N ASN A 296 -12.95 -32.97 8.40
CA ASN A 296 -11.64 -32.33 8.38
C ASN A 296 -11.71 -30.87 8.79
N ASN A 297 -11.91 -30.63 10.08
CA ASN A 297 -11.95 -29.26 10.62
C ASN A 297 -10.59 -28.91 11.22
N VAL A 298 -9.71 -28.38 10.37
CA VAL A 298 -8.40 -27.97 10.83
C VAL A 298 -8.49 -26.62 11.56
N MET A 299 -7.61 -26.44 12.54
CA MET A 299 -7.55 -25.21 13.31
C MET A 299 -6.16 -24.61 13.30
N SER A 300 -6.07 -23.34 12.89
CA SER A 300 -4.81 -22.64 12.78
C SER A 300 -4.90 -21.33 13.55
N GLY A 301 -3.75 -20.69 13.75
CA GLY A 301 -3.68 -19.40 14.43
C GLY A 301 -3.73 -19.48 15.96
N GLY A 302 -2.95 -18.61 16.61
CA GLY A 302 -2.79 -18.61 18.06
C GLY A 302 -4.08 -18.48 18.87
N THR A 303 -5.08 -17.82 18.30
CA THR A 303 -6.36 -17.67 18.98
C THR A 303 -7.09 -19.00 19.12
N THR A 304 -6.75 -19.98 18.28
CA THR A 304 -7.30 -21.33 18.42
C THR A 304 -6.50 -22.20 19.41
N MET A 305 -5.58 -21.59 20.18
CA MET A 305 -4.77 -22.31 21.18
C MET A 305 -5.45 -22.45 22.54
N TYR A 306 -6.62 -21.85 22.73
CA TYR A 306 -7.31 -21.95 24.01
C TYR A 306 -7.58 -23.41 24.38
N PRO A 307 -7.13 -23.84 25.58
CA PRO A 307 -7.47 -25.18 26.02
C PRO A 307 -8.98 -25.45 26.05
N GLY A 308 -9.40 -26.59 25.53
CA GLY A 308 -10.81 -26.98 25.52
C GLY A 308 -11.62 -26.42 24.36
N ILE A 309 -10.95 -25.88 23.36
CA ILE A 309 -11.63 -25.32 22.19
C ILE A 309 -12.06 -26.43 21.21
N ALA A 310 -11.30 -27.53 21.20
CA ALA A 310 -11.62 -28.65 20.31
C ALA A 310 -12.85 -29.40 20.79
N ASP A 311 -12.93 -29.67 22.09
CA ASP A 311 -14.12 -30.30 22.68
C ASP A 311 -15.34 -29.44 22.49
N ARG A 312 -15.17 -28.13 22.49
CA ARG A 312 -16.28 -27.21 22.28
C ARG A 312 -16.75 -27.21 20.83
N MET A 313 -15.82 -27.01 19.90
CA MET A 313 -16.17 -26.99 18.48
C MET A 313 -16.80 -28.31 18.00
N GLN A 314 -16.40 -29.41 18.62
CA GLN A 314 -17.01 -30.71 18.32
C GLN A 314 -18.47 -30.68 18.75
N LYS A 315 -18.68 -30.34 20.02
CA LYS A 315 -20.02 -30.24 20.61
C LYS A 315 -20.93 -29.34 19.79
N GLU A 316 -20.49 -28.10 19.63
CA GLU A 316 -21.31 -27.06 19.00
C GLU A 316 -21.68 -27.39 17.57
N ILE A 317 -20.71 -27.90 16.81
CA ILE A 317 -20.95 -28.28 15.42
C ILE A 317 -21.90 -29.48 15.35
N THR A 318 -21.63 -30.50 16.17
CA THR A 318 -22.48 -31.71 16.21
C THR A 318 -23.95 -31.34 16.25
N ALA A 319 -24.30 -30.35 17.06
CA ALA A 319 -25.69 -29.91 17.23
C ALA A 319 -26.28 -29.26 15.98
N LEU A 320 -25.54 -28.33 15.37
CA LEU A 320 -26.02 -27.58 14.20
C LEU A 320 -26.16 -28.48 12.97
N ALA A 321 -25.32 -29.50 12.89
CA ALA A 321 -25.29 -30.42 11.75
C ALA A 321 -26.21 -31.61 11.99
N PRO A 322 -26.44 -32.42 10.95
CA PRO A 322 -27.24 -33.65 11.09
C PRO A 322 -26.68 -34.62 12.13
N SER A 323 -27.50 -35.62 12.48
CA SER A 323 -27.14 -36.63 13.48
C SER A 323 -26.14 -37.65 12.95
N THR A 324 -26.41 -38.15 11.73
CA THR A 324 -25.58 -39.18 11.10
C THR A 324 -24.22 -38.69 10.60
N MET A 325 -23.94 -37.40 10.73
CA MET A 325 -22.69 -36.81 10.26
C MET A 325 -21.52 -37.08 11.20
N LYS A 326 -20.40 -37.52 10.64
CA LYS A 326 -19.17 -37.73 11.40
C LYS A 326 -18.40 -36.41 11.42
N ILE A 327 -18.35 -35.78 12.59
CA ILE A 327 -17.64 -34.53 12.79
C ILE A 327 -16.29 -34.84 13.41
N LYS A 328 -15.26 -34.08 13.02
CA LYS A 328 -13.92 -34.23 13.60
C LYS A 328 -13.15 -32.93 13.52
N ILE A 329 -12.53 -32.55 14.64
CA ILE A 329 -11.75 -31.33 14.76
C ILE A 329 -10.28 -31.69 14.92
N ILE A 330 -9.44 -31.13 14.06
CA ILE A 330 -8.00 -31.34 14.10
C ILE A 330 -7.34 -30.07 14.59
N ALA A 331 -6.72 -30.14 15.77
CA ALA A 331 -6.04 -29.01 16.38
C ALA A 331 -4.58 -29.40 16.66
N PRO A 332 -3.67 -29.13 15.71
CA PRO A 332 -2.26 -29.52 15.86
C PRO A 332 -1.48 -28.67 16.89
N PRO A 333 -0.66 -29.31 17.73
CA PRO A 333 0.14 -28.65 18.79
C PRO A 333 0.92 -27.41 18.37
N GLU A 334 1.39 -27.40 17.12
CA GLU A 334 2.17 -26.29 16.58
C GLU A 334 1.32 -25.47 15.61
N ARG A 335 0.06 -25.25 15.97
CA ARG A 335 -0.86 -24.51 15.10
C ARG A 335 -0.69 -23.00 15.20
N LYS A 336 0.20 -22.53 16.08
CA LYS A 336 0.57 -21.11 16.10
C LYS A 336 1.37 -20.77 14.84
N TYR A 337 2.09 -21.77 14.33
CA TYR A 337 2.97 -21.59 13.17
C TYR A 337 2.62 -22.52 12.00
N SER A 338 1.35 -22.93 11.90
CA SER A 338 0.92 -23.81 10.80
C SER A 338 1.00 -23.13 9.44
N VAL A 339 0.77 -21.81 9.40
CA VAL A 339 0.84 -21.08 8.14
C VAL A 339 2.29 -21.07 7.66
N TRP A 340 3.22 -20.73 8.56
CA TRP A 340 4.63 -20.69 8.18
C TRP A 340 5.11 -22.08 7.76
N ILE A 341 4.82 -23.06 8.61
CA ILE A 341 5.20 -24.46 8.34
C ILE A 341 4.64 -24.95 7.00
N GLY A 342 3.42 -24.51 6.68
CA GLY A 342 2.78 -24.86 5.42
C GLY A 342 3.56 -24.36 4.21
N GLY A 343 4.17 -23.19 4.35
CA GLY A 343 4.98 -22.58 3.28
C GLY A 343 6.39 -23.15 3.17
N SER A 344 6.95 -23.58 4.29
CA SER A 344 8.25 -24.22 4.34
C SER A 344 8.21 -25.57 3.61
N ILE A 345 7.07 -26.25 3.71
CA ILE A 345 6.85 -27.52 3.02
C ILE A 345 6.62 -27.27 1.53
N LEU A 346 5.69 -26.34 1.24
CA LEU A 346 5.33 -25.98 -0.14
C LEU A 346 6.53 -25.49 -0.94
N ALA A 347 7.29 -24.57 -0.36
CA ALA A 347 8.49 -24.06 -1.01
C ALA A 347 9.45 -25.20 -1.31
N SER A 348 9.51 -26.20 -0.42
CA SER A 348 10.40 -27.35 -0.57
C SER A 348 9.88 -28.43 -1.54
N LEU A 349 8.60 -28.40 -1.87
CA LEU A 349 8.02 -29.40 -2.79
C LEU A 349 8.53 -29.29 -4.23
N SER A 350 8.60 -30.44 -4.90
CA SER A 350 9.04 -30.52 -6.30
C SER A 350 8.01 -29.93 -7.26
N THR A 351 6.73 -30.20 -6.99
CA THR A 351 5.65 -29.74 -7.86
C THR A 351 5.48 -28.21 -7.82
N PHE A 352 5.85 -27.59 -6.70
CA PHE A 352 5.69 -26.15 -6.54
C PHE A 352 6.74 -25.36 -7.31
N GLN A 353 7.91 -25.96 -7.52
CA GLN A 353 9.02 -25.26 -8.16
C GLN A 353 8.62 -24.56 -9.46
N GLN A 354 7.78 -25.20 -10.27
CA GLN A 354 7.32 -24.59 -11.53
C GLN A 354 6.46 -23.36 -11.30
N MET A 355 5.77 -23.32 -10.16
CA MET A 355 4.83 -22.24 -9.87
C MET A 355 5.49 -20.93 -9.41
N TRP A 356 6.80 -20.93 -9.19
CA TRP A 356 7.50 -19.70 -8.83
C TRP A 356 7.29 -18.63 -9.91
N ILE A 357 7.71 -17.40 -9.60
CA ILE A 357 7.64 -16.30 -10.55
C ILE A 357 9.03 -15.67 -10.61
N THR A 358 9.75 -15.93 -11.70
CA THR A 358 11.10 -15.41 -11.87
C THR A 358 11.06 -13.90 -12.14
N LYS A 359 12.12 -13.20 -11.74
CA LYS A 359 12.21 -11.75 -12.01
C LYS A 359 12.16 -11.49 -13.51
N GLN A 360 12.68 -12.43 -14.27
CA GLN A 360 12.64 -12.38 -15.73
C GLN A 360 11.18 -12.42 -16.17
N GLU A 361 10.40 -13.37 -15.62
CA GLU A 361 8.97 -13.49 -15.92
C GLU A 361 8.20 -12.21 -15.61
N TYR A 362 8.52 -11.60 -14.47
CA TYR A 362 7.86 -10.37 -14.04
C TYR A 362 8.30 -9.20 -14.91
N ASP A 363 9.61 -8.96 -14.96
CA ASP A 363 10.17 -7.88 -15.79
C ASP A 363 9.73 -8.03 -17.25
N GLU A 364 9.34 -9.24 -17.65
CA GLU A 364 8.72 -9.47 -18.96
C GLU A 364 7.20 -9.19 -18.89
N ALA A 365 6.48 -10.09 -18.23
CA ALA A 365 5.00 -10.08 -18.23
C ALA A 365 4.30 -9.15 -17.23
N GLY A 366 5.02 -8.64 -16.23
CA GLY A 366 4.42 -7.73 -15.23
C GLY A 366 3.58 -8.41 -14.15
N THR B 5 25.65 22.95 -31.41
CA THR B 5 25.77 24.26 -30.71
C THR B 5 24.50 24.57 -29.89
N THR B 6 23.34 24.19 -30.40
CA THR B 6 22.07 24.40 -29.69
C THR B 6 21.96 23.38 -28.56
N ALA B 7 21.45 23.83 -27.42
CA ALA B 7 21.24 22.96 -26.27
C ALA B 7 19.86 22.30 -26.37
N LEU B 8 19.73 21.14 -25.73
CA LEU B 8 18.46 20.42 -25.68
C LEU B 8 17.88 20.53 -24.27
N VAL B 9 16.64 20.05 -24.12
CA VAL B 9 15.96 19.99 -22.82
C VAL B 9 15.04 18.77 -22.86
N CYS B 10 15.36 17.75 -22.06
CA CYS B 10 14.56 16.52 -22.03
C CYS B 10 13.93 16.30 -20.65
N ASP B 11 12.64 16.60 -20.54
CA ASP B 11 11.90 16.36 -19.29
C ASP B 11 11.29 14.96 -19.35
N ASN B 12 11.88 14.05 -18.56
CA ASN B 12 11.41 12.66 -18.46
C ASN B 12 10.44 12.51 -17.29
N GLY B 13 9.19 12.17 -17.60
CA GLY B 13 8.17 11.99 -16.58
C GLY B 13 7.71 10.55 -16.50
N SER B 14 6.96 10.24 -15.45
CA SER B 14 6.40 8.91 -15.25
C SER B 14 5.41 8.58 -16.36
N GLY B 15 4.62 9.58 -16.78
CA GLY B 15 3.61 9.42 -17.81
C GLY B 15 4.07 9.86 -19.18
N LEU B 16 4.48 11.12 -19.29
CA LEU B 16 4.89 11.70 -20.56
C LEU B 16 6.34 12.15 -20.54
N VAL B 17 6.90 12.28 -21.74
CA VAL B 17 8.24 12.83 -21.94
C VAL B 17 8.06 14.11 -22.75
N LYS B 18 8.45 15.24 -22.17
CA LYS B 18 8.35 16.54 -22.83
C LYS B 18 9.75 16.95 -23.29
N ALA B 19 10.02 16.83 -24.58
CA ALA B 19 11.36 17.16 -25.13
C ALA B 19 11.31 18.33 -26.13
N GLY B 20 12.41 19.08 -26.19
CA GLY B 20 12.53 20.22 -27.08
C GLY B 20 13.90 20.86 -27.01
N PHE B 21 14.06 22.02 -27.66
CA PHE B 21 15.33 22.74 -27.64
C PHE B 21 15.29 23.89 -26.64
N ALA B 22 16.45 24.21 -26.07
CA ALA B 22 16.57 25.34 -25.15
C ALA B 22 16.41 26.63 -25.92
N GLY B 23 15.64 27.58 -25.35
CA GLY B 23 15.35 28.85 -26.02
C GLY B 23 13.97 28.88 -26.65
N ASP B 24 13.41 27.72 -26.96
CA ASP B 24 12.07 27.61 -27.50
C ASP B 24 11.03 28.01 -26.45
N ASP B 25 9.84 28.38 -26.92
CA ASP B 25 8.73 28.75 -26.03
C ASP B 25 8.06 27.51 -25.47
N ALA B 26 8.11 26.42 -26.22
CA ALA B 26 7.47 25.17 -25.83
C ALA B 26 8.23 23.97 -26.41
N PRO B 27 8.02 22.77 -25.83
CA PRO B 27 8.68 21.58 -26.35
C PRO B 27 8.07 21.17 -27.69
N ARG B 28 8.90 20.69 -28.61
CA ARG B 28 8.42 20.28 -29.93
C ARG B 28 7.90 18.84 -29.93
N ALA B 29 8.41 18.02 -29.01
CA ALA B 29 8.00 16.63 -28.88
C ALA B 29 7.38 16.35 -27.49
N VAL B 30 6.21 15.73 -27.50
CA VAL B 30 5.55 15.30 -26.26
C VAL B 30 4.94 13.93 -26.51
N PHE B 31 5.50 12.91 -25.87
CA PHE B 31 5.14 11.52 -26.14
C PHE B 31 5.14 10.66 -24.89
N PRO B 32 4.45 9.51 -24.93
CA PRO B 32 4.37 8.64 -23.77
C PRO B 32 5.70 8.02 -23.35
N SER B 33 5.87 7.79 -22.06
CA SER B 33 7.06 7.13 -21.51
C SER B 33 6.79 5.63 -21.43
N ILE B 34 6.58 5.00 -22.59
CA ILE B 34 6.22 3.58 -22.66
C ILE B 34 7.13 2.76 -23.55
N VAL B 35 7.14 1.45 -23.29
CA VAL B 35 7.86 0.48 -24.10
C VAL B 35 7.01 -0.79 -24.19
N GLY B 36 6.45 -1.05 -25.37
CA GLY B 36 5.57 -2.21 -25.58
C GLY B 36 6.34 -3.52 -25.72
N ARG B 37 5.81 -4.58 -25.09
CA ARG B 37 6.46 -5.91 -25.10
C ARG B 37 5.49 -7.09 -24.88
N PRO B 38 4.80 -7.54 -25.95
CA PRO B 38 3.96 -8.74 -25.81
C PRO B 38 4.79 -10.04 -25.81
N THR B 66 1.17 -5.64 -22.05
CA THR B 66 2.27 -5.58 -23.02
C THR B 66 3.17 -4.35 -22.81
N LEU B 67 2.56 -3.19 -22.55
CA LEU B 67 3.29 -1.92 -22.35
C LEU B 67 3.99 -1.83 -21.01
N LYS B 68 5.02 -0.97 -20.94
CA LYS B 68 5.80 -0.81 -19.71
C LYS B 68 6.25 0.63 -19.51
N TYR B 69 5.96 1.17 -18.32
CA TYR B 69 6.38 2.51 -17.91
C TYR B 69 7.71 2.39 -17.17
N PRO B 70 8.84 2.74 -17.84
CA PRO B 70 10.12 2.61 -17.15
C PRO B 70 10.30 3.56 -15.96
N ILE B 71 9.58 4.67 -15.94
CA ILE B 71 9.62 5.59 -14.80
C ILE B 71 8.38 5.40 -13.93
N GLU B 72 8.60 4.99 -12.69
CA GLU B 72 7.53 4.81 -11.73
C GLU B 72 7.70 5.81 -10.61
N HIS B 73 6.61 6.50 -10.28
CA HIS B 73 6.62 7.54 -9.25
C HIS B 73 7.76 8.55 -9.44
N GLY B 74 8.04 8.90 -10.70
CA GLY B 74 9.08 9.87 -11.05
C GLY B 74 10.52 9.37 -10.99
N ILE B 75 10.70 8.07 -10.77
CA ILE B 75 12.01 7.44 -10.63
C ILE B 75 12.22 6.35 -11.70
N ILE B 76 13.41 6.33 -12.29
CA ILE B 76 13.76 5.38 -13.35
C ILE B 76 14.00 3.98 -12.77
N THR B 77 13.14 3.03 -13.13
CA THR B 77 13.23 1.65 -12.63
C THR B 77 13.92 0.69 -13.61
N ASN B 78 13.72 0.90 -14.92
CA ASN B 78 14.37 0.09 -15.96
C ASN B 78 15.26 0.97 -16.83
N TRP B 79 16.54 0.62 -16.90
CA TRP B 79 17.52 1.43 -17.62
C TRP B 79 17.65 1.09 -19.09
N ASP B 80 17.56 -0.19 -19.43
CA ASP B 80 17.61 -0.61 -20.84
C ASP B 80 16.43 -0.01 -21.62
N ASP B 81 15.26 0.02 -20.97
CA ASP B 81 14.07 0.64 -21.55
C ASP B 81 14.30 2.15 -21.67
N MET B 82 14.76 2.76 -20.58
CA MET B 82 14.98 4.20 -20.54
C MET B 82 15.90 4.67 -21.67
N GLU B 83 16.87 3.83 -22.04
CA GLU B 83 17.72 4.13 -23.18
C GLU B 83 16.91 4.13 -24.47
N LYS B 84 16.00 3.17 -24.60
CA LYS B 84 15.13 3.08 -25.79
C LYS B 84 14.31 4.36 -25.94
N ILE B 85 13.93 4.96 -24.81
CA ILE B 85 13.18 6.21 -24.79
C ILE B 85 14.05 7.38 -25.23
N TRP B 86 15.24 7.50 -24.63
CA TRP B 86 16.18 8.54 -25.02
C TRP B 86 16.61 8.39 -26.48
N HIS B 87 16.79 7.16 -26.93
CA HIS B 87 17.16 6.88 -28.32
C HIS B 87 16.06 7.38 -29.25
N HIS B 88 14.81 7.11 -28.87
CA HIS B 88 13.66 7.55 -29.65
C HIS B 88 13.56 9.07 -29.66
N THR B 89 13.83 9.66 -28.50
CA THR B 89 13.84 11.12 -28.33
C THR B 89 14.76 11.80 -29.34
N PHE B 90 16.03 11.41 -29.33
CA PHE B 90 17.03 12.04 -30.18
C PHE B 90 16.79 11.81 -31.66
N TYR B 91 16.60 10.55 -32.04
CA TYR B 91 16.55 10.15 -33.44
C TYR B 91 15.16 10.15 -34.10
N ASN B 92 14.14 9.69 -33.38
CA ASN B 92 12.80 9.63 -33.95
C ASN B 92 12.01 10.93 -33.75
N GLU B 93 12.06 11.47 -32.54
CA GLU B 93 11.30 12.68 -32.22
C GLU B 93 12.04 13.96 -32.63
N LEU B 94 13.15 14.26 -31.96
CA LEU B 94 13.91 15.49 -32.23
C LEU B 94 14.73 15.45 -33.52
N ARG B 95 15.06 14.25 -33.99
CA ARG B 95 15.85 14.07 -35.21
C ARG B 95 17.18 14.85 -35.17
N VAL B 96 17.96 14.58 -34.13
CA VAL B 96 19.25 15.24 -33.93
C VAL B 96 20.32 14.26 -33.50
N ALA B 97 21.58 14.64 -33.71
CA ALA B 97 22.70 13.85 -33.23
C ALA B 97 22.90 14.24 -31.76
N PRO B 98 22.90 13.25 -30.85
CA PRO B 98 23.10 13.59 -29.44
C PRO B 98 24.51 14.13 -29.11
N GLU B 99 25.51 13.74 -29.90
CA GLU B 99 26.89 14.22 -29.68
C GLU B 99 27.11 15.66 -30.16
N GLU B 100 26.16 16.21 -30.93
CA GLU B 100 26.25 17.57 -31.46
C GLU B 100 25.53 18.61 -30.58
N HIS B 101 24.92 18.19 -29.47
CA HIS B 101 24.15 19.08 -28.61
C HIS B 101 24.29 18.76 -27.11
N PRO B 102 24.51 19.79 -26.26
CA PRO B 102 24.48 19.56 -24.82
C PRO B 102 23.04 19.32 -24.37
N THR B 103 22.81 18.23 -23.63
CA THR B 103 21.45 17.84 -23.23
C THR B 103 21.17 18.14 -21.77
N LEU B 104 20.00 18.70 -21.49
CA LEU B 104 19.56 18.97 -20.11
C LEU B 104 18.47 17.98 -19.69
N LEU B 105 18.83 17.07 -18.79
CA LEU B 105 17.91 16.06 -18.27
C LEU B 105 17.30 16.53 -16.94
N THR B 106 16.10 16.02 -16.64
CA THR B 106 15.38 16.36 -15.41
C THR B 106 15.30 15.16 -14.47
N GLU B 107 15.06 15.42 -13.19
CA GLU B 107 14.94 14.36 -12.19
C GLU B 107 13.95 14.71 -11.07
N ALA B 108 13.27 13.68 -10.56
CA ALA B 108 12.35 13.90 -9.44
C ALA B 108 13.15 14.34 -8.22
N PRO B 109 12.56 15.15 -7.33
CA PRO B 109 13.27 15.52 -6.11
C PRO B 109 13.62 14.31 -5.26
N LEU B 110 14.68 14.45 -4.46
CA LEU B 110 15.20 13.37 -3.61
C LEU B 110 15.50 12.10 -4.41
N ASN B 111 15.94 12.28 -5.66
CA ASN B 111 16.32 11.19 -6.54
C ASN B 111 17.65 10.62 -6.02
N PRO B 112 17.74 9.29 -5.86
CA PRO B 112 18.99 8.70 -5.37
C PRO B 112 20.22 9.12 -6.18
N LYS B 113 21.37 9.18 -5.51
CA LYS B 113 22.60 9.59 -6.16
C LYS B 113 23.08 8.56 -7.19
N ALA B 114 22.91 7.26 -6.85
CA ALA B 114 23.24 6.17 -7.76
C ALA B 114 22.35 6.19 -9.01
N ASN B 115 21.17 6.78 -8.87
CA ASN B 115 20.22 6.95 -9.97
C ASN B 115 20.72 8.02 -10.95
N ARG B 116 21.19 9.14 -10.39
CA ARG B 116 21.71 10.27 -11.17
C ARG B 116 23.04 9.96 -11.85
N GLU B 117 23.95 9.32 -11.11
CA GLU B 117 25.26 8.93 -11.66
C GLU B 117 25.13 7.94 -12.83
N LYS B 118 24.06 7.13 -12.79
CA LYS B 118 23.75 6.17 -13.83
C LYS B 118 23.22 6.88 -15.08
N MET B 119 22.45 7.96 -14.89
CA MET B 119 21.98 8.78 -16.03
C MET B 119 23.17 9.40 -16.75
N THR B 120 24.01 10.10 -15.98
CA THR B 120 25.18 10.79 -16.51
C THR B 120 26.04 9.85 -17.35
N GLN B 121 26.35 8.68 -16.79
CA GLN B 121 27.13 7.66 -17.48
C GLN B 121 26.54 7.33 -18.86
N ILE B 122 25.24 7.06 -18.88
CA ILE B 122 24.53 6.70 -20.12
C ILE B 122 24.59 7.81 -21.16
N MET B 123 24.53 9.07 -20.73
CA MET B 123 24.58 10.19 -21.66
C MET B 123 25.97 10.39 -22.28
N PHE B 124 27.02 10.33 -21.46
CA PHE B 124 28.38 10.52 -21.94
C PHE B 124 28.93 9.33 -22.71
N GLU B 125 28.49 8.13 -22.34
CA GLU B 125 29.05 6.90 -22.92
C GLU B 125 28.18 6.29 -24.02
N THR B 126 26.89 6.17 -23.78
CA THR B 126 26.00 5.55 -24.77
C THR B 126 25.58 6.53 -25.86
N PHE B 127 25.27 7.78 -25.47
CA PHE B 127 24.81 8.80 -26.40
C PHE B 127 25.86 9.87 -26.73
N ASN B 128 27.10 9.65 -26.27
CA ASN B 128 28.24 10.51 -26.61
C ASN B 128 28.04 12.03 -26.46
N VAL B 129 27.21 12.46 -25.51
CA VAL B 129 26.93 13.88 -25.36
C VAL B 129 28.20 14.70 -25.09
N PRO B 130 28.27 15.94 -25.63
CA PRO B 130 29.42 16.82 -25.41
C PRO B 130 29.41 17.42 -24.00
N ALA B 131 28.20 17.55 -23.44
CA ALA B 131 28.00 18.02 -22.08
C ALA B 131 26.59 17.67 -21.66
N MET B 132 26.31 17.79 -20.37
CA MET B 132 24.94 17.60 -19.85
C MET B 132 24.82 18.03 -18.39
N TYR B 133 23.58 18.05 -17.88
CA TYR B 133 23.28 18.45 -16.51
C TYR B 133 21.93 17.88 -16.07
N VAL B 134 21.82 17.52 -14.79
CA VAL B 134 20.60 16.94 -14.23
C VAL B 134 19.99 17.88 -13.18
N ALA B 135 18.84 18.47 -13.53
CA ALA B 135 18.17 19.47 -12.67
C ALA B 135 16.89 18.94 -12.01
N ILE B 136 16.55 19.49 -10.84
CA ILE B 136 15.36 19.05 -10.09
C ILE B 136 14.07 19.64 -10.69
N GLN B 137 13.22 18.75 -11.21
CA GLN B 137 11.99 19.13 -11.90
C GLN B 137 11.23 20.29 -11.26
N ALA B 138 10.89 20.14 -9.98
CA ALA B 138 10.14 21.15 -9.25
C ALA B 138 10.84 22.51 -9.26
N VAL B 139 12.16 22.49 -9.07
CA VAL B 139 12.95 23.73 -9.07
C VAL B 139 12.79 24.49 -10.39
N LEU B 140 12.81 23.76 -11.50
CA LEU B 140 12.64 24.37 -12.82
C LEU B 140 11.28 25.07 -12.92
N SER B 141 10.24 24.42 -12.42
CA SER B 141 8.89 24.99 -12.43
C SER B 141 8.84 26.35 -11.73
N LEU B 142 9.61 26.48 -10.65
CA LEU B 142 9.68 27.74 -9.90
C LEU B 142 10.28 28.81 -10.79
N TYR B 143 11.40 28.49 -11.45
CA TYR B 143 12.07 29.43 -12.36
C TYR B 143 11.15 29.81 -13.51
N ALA B 144 10.37 28.83 -13.99
CA ALA B 144 9.38 29.07 -15.04
C ALA B 144 8.41 30.18 -14.65
N SER B 145 7.99 30.17 -13.38
CA SER B 145 7.09 31.18 -12.83
C SER B 145 7.77 32.55 -12.67
N GLY B 146 9.10 32.55 -12.57
CA GLY B 146 9.90 33.76 -12.38
C GLY B 146 10.29 33.96 -10.93
N ARG B 147 10.60 32.86 -10.25
CA ARG B 147 10.89 32.87 -8.82
C ARG B 147 12.09 32.00 -8.46
N THR B 148 12.89 32.49 -7.51
CA THR B 148 14.03 31.75 -6.98
C THR B 148 13.66 31.08 -5.66
N THR B 149 12.79 31.74 -4.89
CA THR B 149 12.34 31.25 -3.59
C THR B 149 10.83 31.00 -3.61
N GLY B 150 10.42 29.82 -3.13
CA GLY B 150 9.00 29.43 -3.07
C GLY B 150 8.73 27.95 -2.90
N ILE B 151 7.56 27.61 -2.37
CA ILE B 151 7.14 26.22 -2.18
C ILE B 151 6.29 25.72 -3.35
N VAL B 152 6.86 24.80 -4.11
CA VAL B 152 6.20 24.26 -5.28
C VAL B 152 5.33 23.06 -4.94
N LEU B 153 4.26 22.90 -5.72
CA LEU B 153 3.43 21.71 -5.67
C LEU B 153 3.46 21.17 -7.10
N ASP B 154 4.09 20.02 -7.30
CA ASP B 154 4.20 19.41 -8.61
C ASP B 154 3.51 18.06 -8.57
N SER B 155 2.32 17.97 -9.15
CA SER B 155 1.58 16.72 -9.24
C SER B 155 1.56 16.25 -10.69
N GLY B 156 2.23 15.14 -10.97
CA GLY B 156 2.31 14.63 -12.34
C GLY B 156 1.28 13.55 -12.59
N ASP B 157 1.70 12.50 -13.30
CA ASP B 157 0.88 11.35 -13.59
C ASP B 157 1.24 10.20 -12.64
N GLY B 158 2.47 10.21 -12.14
CA GLY B 158 2.97 9.13 -11.29
C GLY B 158 3.28 9.51 -9.84
N VAL B 159 3.63 10.76 -9.58
CA VAL B 159 3.95 11.20 -8.21
C VAL B 159 3.70 12.69 -7.98
N THR B 160 3.44 13.02 -6.71
CA THR B 160 3.15 14.38 -6.26
C THR B 160 4.19 14.78 -5.21
N HIS B 161 4.68 16.02 -5.31
CA HIS B 161 5.73 16.52 -4.45
C HIS B 161 5.50 17.93 -3.94
N ASN B 162 5.83 18.14 -2.67
CA ASN B 162 5.88 19.48 -2.10
C ASN B 162 7.33 19.81 -1.88
N VAL B 163 7.83 20.76 -2.67
CA VAL B 163 9.24 21.11 -2.68
C VAL B 163 9.43 22.59 -2.31
N PRO B 164 9.86 22.86 -1.07
CA PRO B 164 10.18 24.22 -0.65
C PRO B 164 11.58 24.62 -1.12
N ILE B 165 11.68 25.79 -1.75
CA ILE B 165 12.92 26.26 -2.33
C ILE B 165 13.27 27.66 -1.82
N TYR B 166 14.53 27.86 -1.44
CA TYR B 166 15.02 29.16 -0.98
C TYR B 166 16.23 29.58 -1.80
N GLU B 167 16.18 30.79 -2.38
CA GLU B 167 17.24 31.31 -3.23
C GLU B 167 17.71 30.27 -4.26
N GLY B 168 16.75 29.57 -4.88
CA GLY B 168 17.06 28.58 -5.90
C GLY B 168 17.40 27.17 -5.40
N TYR B 169 17.75 27.05 -4.12
CA TYR B 169 18.11 25.75 -3.53
C TYR B 169 16.90 25.11 -2.86
N ALA B 170 16.48 23.94 -3.36
CA ALA B 170 15.35 23.19 -2.80
C ALA B 170 15.75 22.53 -1.48
N LEU B 171 15.06 22.89 -0.40
CA LEU B 171 15.38 22.38 0.93
C LEU B 171 14.98 20.91 1.04
N PRO B 172 15.97 19.99 1.12
CA PRO B 172 15.68 18.56 1.02
C PRO B 172 14.93 17.94 2.21
N HIS B 173 15.28 18.35 3.43
CA HIS B 173 14.63 17.82 4.63
C HIS B 173 13.15 18.20 4.73
N ALA B 174 12.75 19.24 4.00
CA ALA B 174 11.38 19.74 4.00
C ALA B 174 10.52 19.16 2.87
N ILE B 175 11.14 18.55 1.86
CA ILE B 175 10.40 17.98 0.71
C ILE B 175 9.44 16.86 1.11
N MET B 176 8.20 16.94 0.61
CA MET B 176 7.21 15.89 0.85
C MET B 176 6.94 15.15 -0.44
N ARG B 177 6.76 13.84 -0.34
CA ARG B 177 6.43 13.00 -1.47
C ARG B 177 5.06 12.39 -1.25
N LEU B 178 4.37 12.07 -2.34
CA LEU B 178 3.07 11.42 -2.29
C LEU B 178 2.85 10.60 -3.56
N ASP B 179 2.68 9.29 -3.38
CA ASP B 179 2.51 8.38 -4.50
C ASP B 179 1.08 8.39 -5.02
N LEU B 180 0.58 9.58 -5.35
CA LEU B 180 -0.80 9.76 -5.81
C LEU B 180 -0.83 10.87 -6.85
N ALA B 181 -1.17 10.51 -8.08
CA ALA B 181 -1.20 11.46 -9.19
C ALA B 181 -2.25 11.04 -10.22
N GLY B 182 -2.24 11.71 -11.37
CA GLY B 182 -3.24 11.50 -12.42
C GLY B 182 -3.64 10.07 -12.75
N ARG B 183 -2.66 9.17 -12.80
CA ARG B 183 -2.95 7.76 -13.12
C ARG B 183 -3.79 7.14 -12.00
N ASP B 184 -3.37 7.32 -10.75
CA ASP B 184 -4.18 6.87 -9.61
C ASP B 184 -5.57 7.49 -9.70
N LEU B 185 -5.62 8.79 -10.03
CA LEU B 185 -6.89 9.50 -10.15
C LEU B 185 -7.75 8.96 -11.30
N THR B 186 -7.12 8.66 -12.45
CA THR B 186 -7.83 8.07 -13.60
C THR B 186 -8.45 6.72 -13.22
N ASP B 187 -7.68 5.90 -12.49
CA ASP B 187 -8.13 4.59 -12.02
C ASP B 187 -9.32 4.72 -11.07
N TYR B 188 -9.24 5.66 -10.14
CA TYR B 188 -10.31 5.89 -9.18
C TYR B 188 -11.61 6.29 -9.87
N LEU B 189 -11.50 7.15 -10.89
CA LEU B 189 -12.66 7.59 -11.65
C LEU B 189 -13.33 6.41 -12.35
N MET B 190 -12.53 5.54 -12.95
CA MET B 190 -13.04 4.32 -13.58
C MET B 190 -13.91 3.57 -12.57
N LYS B 191 -13.36 3.40 -11.36
CA LYS B 191 -14.05 2.69 -10.29
C LYS B 191 -15.39 3.34 -9.94
N ILE B 192 -15.38 4.66 -9.72
CA ILE B 192 -16.62 5.36 -9.32
C ILE B 192 -17.61 5.57 -10.47
N LEU B 193 -17.18 5.26 -11.70
CA LEU B 193 -18.07 5.25 -12.85
C LEU B 193 -18.72 3.87 -13.00
N THR B 194 -18.10 2.85 -12.40
CA THR B 194 -18.61 1.48 -12.44
C THR B 194 -19.86 1.30 -11.60
N GLU B 195 -19.98 2.08 -10.53
CA GLU B 195 -21.17 2.07 -9.68
C GLU B 195 -22.36 2.73 -10.39
N ARG B 196 -22.08 3.61 -11.35
CA ARG B 196 -23.13 4.26 -12.15
C ARG B 196 -23.64 3.33 -13.28
N GLY B 197 -22.98 2.17 -13.46
CA GLY B 197 -23.40 1.17 -14.44
C GLY B 197 -22.49 1.03 -15.65
N TYR B 198 -21.47 1.88 -15.75
CA TYR B 198 -20.54 1.84 -16.88
C TYR B 198 -19.50 0.72 -16.71
N SER B 199 -18.84 0.33 -17.80
CA SER B 199 -17.86 -0.75 -17.77
C SER B 199 -16.50 -0.38 -18.37
N PHE B 200 -15.75 0.45 -17.64
CA PHE B 200 -14.39 0.85 -18.05
C PHE B 200 -13.36 0.00 -17.30
N VAL B 201 -12.84 -1.01 -17.98
CA VAL B 201 -11.91 -1.96 -17.36
C VAL B 201 -10.58 -2.10 -18.12
N THR B 202 -10.66 -2.25 -19.44
CA THR B 202 -9.46 -2.41 -20.26
C THR B 202 -8.62 -1.12 -20.31
N THR B 203 -7.37 -1.29 -20.72
CA THR B 203 -6.39 -0.20 -20.76
C THR B 203 -6.70 0.83 -21.86
N ALA B 204 -7.24 0.37 -22.98
CA ALA B 204 -7.66 1.26 -24.06
C ALA B 204 -8.78 2.17 -23.58
N GLU B 205 -9.72 1.58 -22.84
CA GLU B 205 -10.82 2.33 -22.22
C GLU B 205 -10.31 3.27 -21.14
N ARG B 206 -9.26 2.86 -20.42
CA ARG B 206 -8.68 3.70 -19.39
C ARG B 206 -8.27 5.09 -19.92
N GLU B 207 -7.79 5.12 -21.16
CA GLU B 207 -7.42 6.38 -21.80
C GLU B 207 -8.66 7.27 -22.00
N ILE B 208 -9.78 6.64 -22.34
CA ILE B 208 -11.03 7.37 -22.53
C ILE B 208 -11.45 7.99 -21.19
N VAL B 209 -11.25 7.26 -20.10
CA VAL B 209 -11.56 7.76 -18.77
C VAL B 209 -10.56 8.84 -18.34
N ARG B 210 -9.34 8.79 -18.88
CA ARG B 210 -8.37 9.85 -18.63
C ARG B 210 -8.87 11.10 -19.35
N ASP B 211 -9.26 10.96 -20.62
CA ASP B 211 -9.76 12.10 -21.39
C ASP B 211 -10.89 12.80 -20.65
N ILE B 212 -11.85 12.02 -20.16
CA ILE B 212 -12.96 12.56 -19.38
C ILE B 212 -12.38 13.36 -18.20
N LYS B 213 -11.57 12.67 -17.39
CA LYS B 213 -10.92 13.27 -16.22
C LYS B 213 -10.31 14.63 -16.56
N GLU B 214 -9.63 14.70 -17.69
CA GLU B 214 -9.01 15.96 -18.11
C GLU B 214 -10.05 16.96 -18.63
N LYS B 215 -11.08 16.45 -19.31
CA LYS B 215 -12.09 17.30 -19.95
C LYS B 215 -13.14 17.88 -18.99
N LEU B 216 -13.78 17.04 -18.19
CA LEU B 216 -14.95 17.46 -17.42
C LEU B 216 -14.71 17.78 -15.93
N CYS B 217 -13.90 16.96 -15.26
CA CYS B 217 -13.63 17.11 -13.81
C CYS B 217 -13.22 18.50 -13.33
N TYR B 218 -13.41 18.72 -12.03
CA TYR B 218 -13.05 19.98 -11.37
C TYR B 218 -12.91 19.75 -9.88
N VAL B 219 -12.27 20.70 -9.17
CA VAL B 219 -12.11 20.60 -7.71
C VAL B 219 -13.17 21.42 -6.99
N ALA B 220 -14.09 20.74 -6.31
CA ALA B 220 -15.17 21.40 -5.57
C ALA B 220 -14.63 22.22 -4.40
N LEU B 221 -15.05 23.49 -4.31
CA LEU B 221 -14.63 24.35 -3.21
C LEU B 221 -15.01 23.71 -1.87
N ASP B 222 -16.23 23.16 -1.81
CA ASP B 222 -16.69 22.41 -0.65
C ASP B 222 -17.31 21.09 -1.12
N PHE B 223 -16.88 19.98 -0.52
CA PHE B 223 -17.33 18.65 -0.91
C PHE B 223 -18.80 18.39 -0.57
N GLU B 224 -19.16 18.53 0.71
CA GLU B 224 -20.55 18.30 1.14
C GLU B 224 -21.54 19.09 0.30
N ASN B 225 -21.39 20.42 0.29
CA ASN B 225 -22.26 21.28 -0.48
C ASN B 225 -22.44 20.77 -1.90
N GLU B 226 -21.34 20.41 -2.54
CA GLU B 226 -21.37 19.94 -3.92
C GLU B 226 -22.15 18.63 -4.04
N MET B 227 -21.82 17.65 -3.20
CA MET B 227 -22.52 16.37 -3.21
C MET B 227 -24.02 16.56 -3.01
N ALA B 228 -24.39 17.53 -2.16
CA ALA B 228 -25.79 17.86 -1.89
C ALA B 228 -26.48 18.46 -3.11
N THR B 229 -25.72 19.21 -3.91
CA THR B 229 -26.24 19.77 -5.16
C THR B 229 -26.47 18.65 -6.16
N ALA B 230 -25.57 17.67 -6.15
CA ALA B 230 -25.66 16.50 -7.03
C ALA B 230 -26.80 15.57 -6.66
N ALA B 231 -27.08 15.44 -5.36
CA ALA B 231 -28.16 14.59 -4.87
C ALA B 231 -29.54 15.19 -5.15
N SER B 232 -29.64 16.51 -5.07
CA SER B 232 -30.91 17.22 -5.24
C SER B 232 -31.22 17.62 -6.68
N SER B 233 -30.22 18.08 -7.42
CA SER B 233 -30.41 18.54 -8.80
C SER B 233 -29.53 17.79 -9.79
N SER B 234 -29.73 18.08 -11.07
CA SER B 234 -28.92 17.52 -12.15
C SER B 234 -28.16 18.62 -12.87
N SER B 235 -27.88 19.71 -12.16
CA SER B 235 -27.19 20.86 -12.73
C SER B 235 -25.71 20.60 -12.95
N LEU B 236 -25.10 19.79 -12.10
CA LEU B 236 -23.68 19.45 -12.23
C LEU B 236 -23.40 18.31 -13.23
N GLU B 237 -24.42 17.82 -13.91
CA GLU B 237 -24.23 16.73 -14.86
C GLU B 237 -23.69 17.26 -16.18
N LYS B 238 -22.87 16.43 -16.82
CA LYS B 238 -22.24 16.77 -18.10
C LYS B 238 -22.19 15.56 -19.03
N SER B 239 -22.55 15.78 -20.29
CA SER B 239 -22.54 14.74 -21.30
C SER B 239 -21.15 14.61 -21.91
N TYR B 240 -20.80 13.40 -22.32
CA TYR B 240 -19.50 13.12 -22.95
C TYR B 240 -19.68 12.16 -24.12
N GLU B 241 -19.23 12.55 -25.30
CA GLU B 241 -19.32 11.69 -26.47
C GLU B 241 -18.17 10.69 -26.48
N LEU B 242 -18.52 9.40 -26.43
CA LEU B 242 -17.54 8.32 -26.51
C LEU B 242 -17.06 8.17 -27.95
N PRO B 243 -15.85 7.59 -28.14
CA PRO B 243 -15.28 7.35 -29.46
C PRO B 243 -16.25 6.75 -30.47
N ASP B 244 -17.11 5.84 -30.02
CA ASP B 244 -18.09 5.17 -30.89
C ASP B 244 -19.41 5.96 -31.10
N GLY B 245 -19.41 7.24 -30.76
CA GLY B 245 -20.56 8.11 -31.02
C GLY B 245 -21.55 8.25 -29.88
N GLN B 246 -21.80 7.16 -29.16
CA GLN B 246 -22.75 7.17 -28.03
C GLN B 246 -22.37 8.19 -26.95
N VAL B 247 -23.39 8.77 -26.32
CA VAL B 247 -23.21 9.79 -25.28
C VAL B 247 -23.44 9.18 -23.90
N ILE B 248 -22.72 9.68 -22.90
CA ILE B 248 -22.89 9.26 -21.51
C ILE B 248 -22.86 10.48 -20.59
N THR B 249 -23.42 10.33 -19.38
CA THR B 249 -23.53 11.43 -18.42
C THR B 249 -22.77 11.13 -17.11
N ILE B 250 -22.14 12.16 -16.55
CA ILE B 250 -21.44 12.05 -15.26
C ILE B 250 -21.79 13.24 -14.35
N GLY B 251 -22.05 12.96 -13.07
CA GLY B 251 -22.47 13.99 -12.12
C GLY B 251 -21.42 14.36 -11.09
N ASN B 252 -21.51 13.74 -9.92
CA ASN B 252 -20.58 14.03 -8.82
C ASN B 252 -19.16 13.50 -9.05
N GLU B 253 -19.00 12.54 -9.96
CA GLU B 253 -17.68 11.97 -10.25
C GLU B 253 -16.72 13.06 -10.70
N ARG B 254 -17.27 14.09 -11.33
CA ARG B 254 -16.50 15.25 -11.78
C ARG B 254 -15.59 15.79 -10.67
N PHE B 255 -16.12 15.91 -9.46
CA PHE B 255 -15.35 16.49 -8.35
C PHE B 255 -14.92 15.51 -7.26
N ARG B 256 -15.53 14.32 -7.23
CA ARG B 256 -15.14 13.29 -6.25
C ARG B 256 -13.80 12.69 -6.58
N CYS B 257 -13.53 12.58 -7.88
CA CYS B 257 -12.28 12.04 -8.39
C CYS B 257 -11.05 12.90 -7.97
N PRO B 258 -11.01 14.18 -8.40
CA PRO B 258 -9.95 15.07 -7.93
C PRO B 258 -9.92 15.32 -6.41
N GLU B 259 -11.02 15.03 -5.72
CA GLU B 259 -11.10 15.18 -4.26
C GLU B 259 -10.09 14.27 -3.55
N THR B 260 -9.79 13.14 -4.18
CA THR B 260 -8.83 12.19 -3.63
C THR B 260 -7.51 12.86 -3.27
N LEU B 261 -7.18 13.94 -3.98
CA LEU B 261 -5.95 14.70 -3.71
C LEU B 261 -5.95 15.33 -2.32
N PHE B 262 -7.12 15.79 -1.87
CA PHE B 262 -7.27 16.40 -0.55
C PHE B 262 -7.58 15.35 0.52
N GLN B 263 -8.15 14.22 0.10
CA GLN B 263 -8.43 13.09 0.99
C GLN B 263 -8.02 11.78 0.29
N PRO B 264 -6.74 11.39 0.42
CA PRO B 264 -6.26 10.14 -0.18
C PRO B 264 -6.89 8.88 0.40
N SER B 265 -7.48 8.98 1.59
CA SER B 265 -8.14 7.80 2.19
C SER B 265 -9.31 7.29 1.34
N PHE B 266 -9.82 8.12 0.42
CA PHE B 266 -10.85 7.69 -0.52
C PHE B 266 -10.43 6.44 -1.32
N ILE B 267 -9.13 6.29 -1.53
CA ILE B 267 -8.57 5.14 -2.26
C ILE B 267 -7.68 4.27 -1.38
N GLY B 268 -7.95 4.27 -0.07
CA GLY B 268 -7.22 3.45 0.90
C GLY B 268 -5.82 3.94 1.27
N MET B 269 -5.58 5.25 1.15
CA MET B 269 -4.30 5.81 1.53
C MET B 269 -4.38 6.63 2.81
N GLU B 270 -3.68 6.15 3.85
CA GLU B 270 -3.62 6.84 5.13
C GLU B 270 -2.68 8.06 5.12
N SER B 271 -2.20 8.44 3.94
CA SER B 271 -1.37 9.64 3.78
C SER B 271 -2.22 10.91 3.91
N ALA B 272 -1.54 12.02 4.16
CA ALA B 272 -2.20 13.33 4.28
C ALA B 272 -2.56 13.89 2.91
N GLY B 273 -3.43 14.91 2.90
CA GLY B 273 -3.86 15.56 1.65
C GLY B 273 -2.79 16.51 1.15
N ILE B 274 -3.04 17.14 -0.01
CA ILE B 274 -2.05 18.07 -0.59
C ILE B 274 -1.97 19.38 0.18
N HIS B 275 -3.11 19.80 0.72
CA HIS B 275 -3.14 21.00 1.56
C HIS B 275 -2.34 20.79 2.86
N GLU B 276 -2.38 19.56 3.38
CA GLU B 276 -1.75 19.21 4.65
C GLU B 276 -0.26 19.02 4.47
N THR B 277 0.10 18.24 3.46
CA THR B 277 1.51 18.00 3.16
C THR B 277 2.21 19.30 2.76
N THR B 278 1.47 20.22 2.13
CA THR B 278 1.97 21.56 1.83
C THR B 278 2.22 22.36 3.11
N TYR B 279 1.30 22.23 4.07
CA TYR B 279 1.45 22.86 5.37
C TYR B 279 2.66 22.25 6.08
N ASN B 280 2.67 20.93 6.20
CA ASN B 280 3.79 20.22 6.85
C ASN B 280 5.12 20.67 6.25
N SER B 281 5.20 20.66 4.93
CA SER B 281 6.41 21.10 4.22
C SER B 281 6.89 22.46 4.75
N ILE B 282 5.97 23.42 4.82
CA ILE B 282 6.32 24.77 5.28
C ILE B 282 6.79 24.80 6.74
N MET B 283 6.17 23.98 7.59
CA MET B 283 6.54 23.92 9.01
C MET B 283 7.88 23.22 9.24
N LYS B 284 8.32 22.41 8.28
CA LYS B 284 9.62 21.74 8.35
C LYS B 284 10.79 22.66 7.92
N CYS B 285 10.46 23.86 7.45
CA CYS B 285 11.47 24.85 7.06
C CYS B 285 11.88 25.73 8.24
N ASP B 286 12.76 26.69 7.98
CA ASP B 286 13.12 27.71 8.96
C ASP B 286 11.97 28.70 9.06
N ILE B 287 11.78 29.28 10.24
CA ILE B 287 10.68 30.21 10.48
C ILE B 287 10.75 31.49 9.65
N ASP B 288 11.96 31.92 9.29
CA ASP B 288 12.14 33.15 8.52
C ASP B 288 11.52 33.11 7.13
N ILE B 289 11.61 31.95 6.48
CA ILE B 289 11.15 31.81 5.10
C ILE B 289 9.67 31.41 4.92
N ARG B 290 9.02 30.97 6.00
CA ARG B 290 7.63 30.51 5.93
C ARG B 290 6.70 31.57 5.35
N LYS B 291 6.80 32.79 5.85
CA LYS B 291 6.01 33.91 5.31
C LYS B 291 6.07 33.95 3.78
N ASP B 292 7.27 33.73 3.24
CA ASP B 292 7.51 33.81 1.81
C ASP B 292 7.05 32.55 1.08
N LEU B 293 7.12 31.39 1.74
CA LEU B 293 6.64 30.14 1.16
C LEU B 293 5.14 30.24 0.97
N TYR B 294 4.41 30.56 2.04
CA TYR B 294 2.96 30.76 1.98
C TYR B 294 2.55 31.73 0.88
N ALA B 295 3.31 32.82 0.76
CA ALA B 295 3.05 33.85 -0.24
C ALA B 295 3.43 33.44 -1.66
N ASN B 296 4.09 32.28 -1.79
CA ASN B 296 4.54 31.77 -3.09
C ASN B 296 4.28 30.27 -3.25
N ASN B 297 3.01 29.92 -3.43
CA ASN B 297 2.60 28.53 -3.65
C ASN B 297 2.42 28.26 -5.13
N VAL B 298 3.52 27.88 -5.78
CA VAL B 298 3.48 27.56 -7.20
C VAL B 298 2.89 26.18 -7.42
N MET B 299 2.21 26.00 -8.54
CA MET B 299 1.61 24.73 -8.91
C MET B 299 2.07 24.28 -10.27
N SER B 300 2.61 23.06 -10.32
CA SER B 300 3.13 22.50 -11.56
C SER B 300 2.49 21.14 -11.80
N GLY B 301 2.69 20.59 -13.00
CA GLY B 301 2.17 19.26 -13.34
C GLY B 301 0.69 19.21 -13.73
N GLY B 302 0.38 18.39 -14.72
CA GLY B 302 -0.97 18.31 -15.27
C GLY B 302 -2.09 17.99 -14.29
N THR B 303 -1.75 17.29 -13.21
CA THR B 303 -2.74 16.96 -12.20
C THR B 303 -3.18 18.20 -11.42
N THR B 304 -2.39 19.27 -11.46
CA THR B 304 -2.80 20.55 -10.87
C THR B 304 -3.63 21.41 -11.85
N MET B 305 -4.05 20.84 -12.99
CA MET B 305 -4.84 21.56 -13.98
C MET B 305 -6.35 21.55 -13.72
N TYR B 306 -6.79 20.83 -12.69
CA TYR B 306 -8.23 20.75 -12.39
C TYR B 306 -8.80 22.15 -12.12
N PRO B 307 -9.85 22.52 -12.87
CA PRO B 307 -10.50 23.80 -12.57
C PRO B 307 -10.95 23.90 -11.10
N GLY B 308 -10.69 25.05 -10.48
CA GLY B 308 -11.12 25.30 -9.11
C GLY B 308 -10.18 24.78 -8.04
N ILE B 309 -8.99 24.37 -8.44
CA ILE B 309 -8.00 23.83 -7.50
C ILE B 309 -7.30 24.94 -6.73
N ALA B 310 -7.17 26.10 -7.37
CA ALA B 310 -6.51 27.26 -6.75
C ALA B 310 -7.39 27.84 -5.63
N ASP B 311 -8.67 28.02 -5.92
CA ASP B 311 -9.62 28.50 -4.90
C ASP B 311 -9.69 27.54 -3.73
N ARG B 312 -9.52 26.24 -4.01
CA ARG B 312 -9.54 25.23 -2.96
C ARG B 312 -8.29 25.29 -2.09
N MET B 313 -7.13 25.27 -2.72
CA MET B 313 -5.86 25.30 -1.98
C MET B 313 -5.72 26.59 -1.15
N GLN B 314 -6.29 27.69 -1.63
CA GLN B 314 -6.30 28.94 -0.88
C GLN B 314 -7.11 28.73 0.41
N LYS B 315 -8.35 28.27 0.21
CA LYS B 315 -9.27 28.01 1.31
C LYS B 315 -8.66 27.09 2.36
N GLU B 316 -8.25 25.91 1.90
CA GLU B 316 -7.76 24.86 2.78
C GLU B 316 -6.54 25.25 3.57
N ILE B 317 -5.59 25.89 2.88
CA ILE B 317 -4.36 26.36 3.53
C ILE B 317 -4.68 27.45 4.54
N THR B 318 -5.49 28.43 4.13
CA THR B 318 -5.88 29.54 5.01
C THR B 318 -6.27 29.03 6.39
N ALA B 319 -7.06 27.96 6.43
CA ALA B 319 -7.56 27.39 7.68
C ALA B 319 -6.46 26.78 8.55
N LEU B 320 -5.60 25.96 7.95
CA LEU B 320 -4.54 25.25 8.69
C LEU B 320 -3.50 26.21 9.24
N ALA B 321 -3.27 27.31 8.52
CA ALA B 321 -2.27 28.32 8.87
C ALA B 321 -2.86 29.40 9.76
N PRO B 322 -2.01 30.25 10.35
CA PRO B 322 -2.48 31.38 11.16
C PRO B 322 -3.41 32.34 10.41
N SER B 323 -4.06 33.24 11.16
CA SER B 323 -5.02 34.19 10.61
C SER B 323 -4.33 35.35 9.88
N THR B 324 -3.29 35.89 10.51
CA THR B 324 -2.57 37.04 9.97
C THR B 324 -1.67 36.72 8.78
N MET B 325 -1.59 35.44 8.38
CA MET B 325 -0.74 35.01 7.28
C MET B 325 -1.35 35.34 5.91
N LYS B 326 -0.54 35.93 5.03
CA LYS B 326 -0.96 36.19 3.65
C LYS B 326 -0.64 34.96 2.82
N ILE B 327 -1.69 34.25 2.39
CA ILE B 327 -1.56 33.06 1.56
C ILE B 327 -1.82 33.44 0.11
N LYS B 328 -1.07 32.83 -0.81
CA LYS B 328 -1.27 33.07 -2.24
C LYS B 328 -0.85 31.85 -3.06
N ILE B 329 -1.73 31.46 -3.99
CA ILE B 329 -1.51 30.31 -4.86
C ILE B 329 -1.28 30.81 -6.28
N ILE B 330 -0.18 30.37 -6.89
CA ILE B 330 0.15 30.73 -8.26
C ILE B 330 -0.02 29.49 -9.11
N ALA B 331 -0.98 29.54 -10.04
CA ALA B 331 -1.27 28.43 -10.95
C ALA B 331 -1.17 28.94 -12.39
N PRO B 332 0.02 28.83 -13.01
CA PRO B 332 0.24 29.35 -14.37
C PRO B 332 -0.43 28.50 -15.47
N PRO B 333 -1.09 29.15 -16.46
CA PRO B 333 -1.82 28.50 -17.57
C PRO B 333 -1.08 27.38 -18.30
N GLU B 334 0.24 27.50 -18.38
CA GLU B 334 1.08 26.51 -19.05
C GLU B 334 1.84 25.68 -18.02
N ARG B 335 1.16 25.31 -16.93
CA ARG B 335 1.82 24.55 -15.87
C ARG B 335 1.95 23.06 -16.17
N LYS B 336 1.38 22.61 -17.29
CA LYS B 336 1.59 21.24 -17.75
C LYS B 336 3.05 21.07 -18.21
N TYR B 337 3.66 22.17 -18.66
CA TYR B 337 5.02 22.16 -19.19
C TYR B 337 5.94 23.14 -18.46
N SER B 338 5.65 23.43 -17.19
CA SER B 338 6.49 24.33 -16.39
C SER B 338 7.89 23.76 -16.14
N VAL B 339 8.00 22.44 -16.01
CA VAL B 339 9.29 21.81 -15.77
C VAL B 339 10.15 21.96 -17.02
N TRP B 340 9.58 21.66 -18.19
CA TRP B 340 10.33 21.78 -19.43
C TRP B 340 10.73 23.23 -19.68
N ILE B 341 9.75 24.14 -19.57
CA ILE B 341 9.97 25.57 -19.75
C ILE B 341 11.04 26.10 -18.80
N GLY B 342 11.06 25.58 -17.57
CA GLY B 342 12.06 25.95 -16.59
C GLY B 342 13.47 25.62 -17.04
N GLY B 343 13.62 24.49 -17.74
CA GLY B 343 14.93 24.04 -18.25
C GLY B 343 15.38 24.76 -19.51
N SER B 344 14.41 25.14 -20.35
CA SER B 344 14.68 25.91 -21.56
C SER B 344 15.24 27.29 -21.20
N ILE B 345 14.75 27.86 -20.10
CA ILE B 345 15.23 29.14 -19.60
C ILE B 345 16.61 28.97 -18.97
N LEU B 346 16.72 28.01 -18.07
CA LEU B 346 17.96 27.70 -17.36
C LEU B 346 19.11 27.40 -18.32
N ALA B 347 18.86 26.52 -19.28
CA ALA B 347 19.84 26.17 -20.29
C ALA B 347 20.31 27.43 -21.03
N SER B 348 19.37 28.35 -21.27
CA SER B 348 19.65 29.59 -22.00
C SER B 348 20.35 30.68 -21.15
N LEU B 349 20.29 30.56 -19.83
CA LEU B 349 20.92 31.56 -18.95
C LEU B 349 22.43 31.59 -19.04
N SER B 350 22.99 32.78 -18.83
CA SER B 350 24.44 33.01 -18.85
C SER B 350 25.13 32.40 -17.63
N THR B 351 24.50 32.53 -16.47
CA THR B 351 25.07 32.03 -15.22
C THR B 351 25.15 30.51 -15.19
N PHE B 352 24.22 29.85 -15.89
CA PHE B 352 24.17 28.38 -15.89
C PHE B 352 25.27 27.75 -16.73
N GLN B 353 25.73 28.47 -17.74
CA GLN B 353 26.72 27.94 -18.68
C GLN B 353 27.93 27.29 -17.98
N GLN B 354 28.40 27.90 -16.90
CA GLN B 354 29.53 27.34 -16.14
C GLN B 354 29.20 26.02 -15.47
N MET B 355 27.93 25.83 -15.14
CA MET B 355 27.49 24.66 -14.39
C MET B 355 27.37 23.39 -15.25
N TRP B 356 27.51 23.49 -16.57
CA TRP B 356 27.49 22.31 -17.44
C TRP B 356 28.56 21.29 -17.02
N ILE B 357 28.48 20.10 -17.58
CA ILE B 357 29.48 19.07 -17.32
C ILE B 357 30.01 18.59 -18.68
N THR B 358 31.22 19.00 -19.05
CA THR B 358 31.80 18.62 -20.33
C THR B 358 32.19 17.14 -20.32
N LYS B 359 32.18 16.51 -21.50
CA LYS B 359 32.59 15.11 -21.60
C LYS B 359 34.02 14.95 -21.14
N GLN B 360 34.81 15.99 -21.38
CA GLN B 360 36.20 16.05 -20.93
C GLN B 360 36.21 15.96 -19.40
N GLU B 361 35.39 16.78 -18.74
CA GLU B 361 35.27 16.80 -17.28
C GLU B 361 34.88 15.44 -16.73
N TYR B 362 33.95 14.76 -17.41
CA TYR B 362 33.48 13.45 -16.98
C TYR B 362 34.53 12.40 -17.25
N ASP B 363 34.98 12.30 -18.50
CA ASP B 363 36.01 11.34 -18.87
C ASP B 363 37.28 11.55 -18.04
N GLU B 364 37.45 12.74 -17.47
CA GLU B 364 38.50 12.99 -16.49
C GLU B 364 38.02 12.56 -15.10
N ALA B 365 37.13 13.35 -14.50
CA ALA B 365 36.73 13.21 -13.08
C ALA B 365 35.65 12.15 -12.74
N GLY B 366 34.93 11.64 -13.75
CA GLY B 366 33.89 10.62 -13.52
C GLY B 366 32.53 11.15 -13.01
N PRO B 367 31.67 10.26 -12.47
CA PRO B 367 30.31 10.66 -12.00
C PRO B 367 30.25 11.92 -11.10
CA CA C . -1.64 -15.28 10.40
PG ATP D . -3.66 -12.59 11.71
O1G ATP D . -3.36 -11.61 10.60
O2G ATP D . -3.29 -14.04 11.42
O3G ATP D . -5.04 -12.43 12.31
PB ATP D . -1.36 -12.99 13.26
O1B ATP D . -0.89 -13.77 12.06
O2B ATP D . -0.43 -12.04 13.96
O3B ATP D . -2.68 -12.15 12.89
PA ATP D . -1.03 -15.35 14.78
O1A ATP D . -1.49 -16.52 13.93
O2A ATP D . 0.44 -15.01 14.84
O3A ATP D . -1.89 -14.05 14.34
O5' ATP D . -1.53 -15.55 16.30
C5' ATP D . -1.26 -14.54 17.28
C4' ATP D . -2.47 -14.35 18.19
O4' ATP D . -2.66 -15.54 18.96
C3' ATP D . -2.29 -13.23 19.20
O3' ATP D . -3.54 -12.54 19.34
C2' ATP D . -1.92 -13.93 20.50
O2' ATP D . -2.32 -13.21 21.67
C1' ATP D . -2.69 -15.22 20.35
N9 ATP D . -2.12 -16.32 21.15
C8 ATP D . -0.86 -16.76 21.21
N7 ATP D . -0.74 -17.79 22.08
C5 ATP D . -1.96 -18.02 22.60
C6 ATP D . -2.57 -18.95 23.58
N6 ATP D . -1.83 -19.89 24.22
N1 ATP D . -3.89 -18.82 23.82
C2 ATP D . -4.66 -17.91 23.20
N3 ATP D . -4.18 -17.04 22.31
C4 ATP D . -2.87 -17.05 21.98
S1 LAR E . -2.73 -7.21 22.54
N1 LAR E . -2.31 -8.22 20.25
O1 LAR E . 1.29 -11.69 19.81
O2 LAR E . 2.32 -9.65 20.34
O3 LAR E . 0.89 -6.44 19.96
O4 LAR E . 0.30 -7.99 21.65
O5 LAR E . -3.49 -9.47 21.69
C1 LAR E . 2.18 -11.11 20.44
C2 LAR E . 3.07 -11.94 21.29
C3 LAR E . 4.06 -11.49 22.08
C4 LAR E . 4.44 -10.02 22.21
C5 LAR E . 5.37 -9.58 21.08
C6 LAR E . 6.30 -8.50 21.58
C7 LAR E . 5.95 -7.29 21.58
C8 LAR E . 5.62 -6.16 21.56
C9 LAR E . 5.24 -4.96 21.54
C10 LAR E . 3.78 -4.66 21.81
C11 LAR E . 3.02 -4.34 20.52
C12 LAR E . 3.05 -5.46 19.47
C13 LAR E . 2.29 -6.72 19.88
C14 LAR E . 2.54 -7.79 18.82
C15 LAR E . 1.79 -9.07 19.16
C16 LAR E . 0.31 -8.71 19.33
C17 LAR E . 0.05 -7.56 20.30
C18 LAR E . -1.40 -7.09 20.18
C19 LAR E . -1.86 -6.22 21.36
C20 LAR E . -2.89 -8.44 21.42
C21 LAR E . 4.82 -12.51 22.88
C22 LAR E . 3.68 -3.52 22.81
CA CA F . 7.05 15.64 -14.34
PG ATP G . 5.41 12.70 -13.07
O1G ATP G . 6.65 11.83 -13.11
O2G ATP G . 5.67 14.19 -13.21
O3G ATP G . 4.47 12.36 -11.95
PB ATP G . 4.56 13.18 -15.71
O1B ATP G . 5.77 14.08 -15.79
O2B ATP G . 4.24 12.28 -16.87
O3B ATP G . 4.63 12.26 -14.40
PA ATP G . 2.97 15.45 -16.25
O1A ATP G . 3.53 16.65 -15.51
O2A ATP G . 3.35 15.23 -17.69
O3A ATP G . 3.29 14.12 -15.40
O5' ATP G . 1.37 15.49 -16.17
C5' ATP G . 0.60 14.47 -16.81
C4' ATP G . -0.60 14.09 -15.95
O4' ATP G . -1.49 15.20 -15.91
C3' ATP G . -1.39 12.92 -16.49
O3' ATP G . -1.82 12.08 -15.41
C2' ATP G . -2.60 13.55 -17.15
O2' ATP G . -3.75 12.70 -17.17
C1' ATP G . -2.79 14.77 -16.29
N9 ATP G . -3.54 15.85 -16.97
C8 ATP G . -3.27 16.40 -18.18
N7 ATP G . -4.19 17.36 -18.46
C5 ATP G . -5.04 17.44 -17.41
C6 ATP G . -6.23 18.25 -17.05
N6 ATP G . -6.72 19.20 -17.87
N1 ATP G . -6.81 17.99 -15.86
C2 ATP G . -6.34 17.05 -15.03
N3 ATP G . -5.27 16.29 -15.29
C4 ATP G . -4.60 16.44 -16.45
S1 LAR H . -4.14 6.68 -17.46
N1 LAR H . -1.93 7.88 -17.11
O1 LAR H . -0.84 11.69 -20.18
O2 LAR H . -0.89 9.74 -21.45
O3 LAR H . -0.60 6.44 -20.23
O4 LAR H . -2.52 7.80 -20.03
O5 LAR H . -3.74 8.89 -16.28
C1 LAR H . -1.16 11.16 -21.24
C2 LAR H . -1.82 12.01 -22.27
C3 LAR H . -2.25 11.58 -23.48
C4 LAR H . -2.12 10.17 -23.99
C5 LAR H . -0.73 9.90 -24.59
C6 LAR H . -0.85 8.88 -25.70
C7 LAR H . -0.80 7.65 -25.46
C8 LAR H . -0.76 6.50 -25.22
C9 LAR H . -0.75 5.27 -24.93
C10 LAR H . -1.40 4.83 -23.63
C11 LAR H . -0.35 4.52 -22.56
C12 LAR H . 0.56 5.71 -22.22
C13 LAR H . -0.17 6.85 -21.51
C14 LAR H . 0.80 8.02 -21.37
C15 LAR H . 0.16 9.19 -20.65
C16 LAR H . -0.37 8.69 -19.31
C17 LAR H . -1.26 7.44 -19.43
C18 LAR H . -1.51 6.85 -18.03
C19 LAR H . -2.66 5.85 -17.99
C20 LAR H . -3.23 7.96 -16.88
C21 LAR H . -2.91 12.59 -24.37
C22 LAR H . -2.27 3.61 -23.90
#